data_3LLK
#
_entry.id   3LLK
#
_cell.length_a   83.481
_cell.length_b   161.573
_cell.length_c   121.940
_cell.angle_alpha   90.00
_cell.angle_beta   90.00
_cell.angle_gamma   90.00
#
_symmetry.space_group_name_H-M   'C 2 2 2'
#
loop_
_entity.id
_entity.type
_entity.pdbx_description
1 polymer 'Sulfhydryl oxidase 1'
2 non-polymer 'FLAVIN-ADENINE DINUCLEOTIDE'
3 non-polymer 'CITRATE ANION'
4 water water
#
_entity_poly.entity_id   1
_entity_poly.type   'polypeptide(L)'
_entity_poly.pdbx_seq_one_letter_code
;IAPTVWKLADRSKIYMADLESALHYILRIEVGRFPVLEGQRLVALKKFVAVLAKYFPGRPLVQNFLHSVNEWLKRQKRNK
IPYSFFKTALDDRKEGAVLAKKVNWIGCQGSEPHFRGFPCSLWVLFHFLTVQAARQNVDHSQEAAKAKEVLPAIRGYVHY
FFGCRDCASHFEQMAAASMHRVGSPNAAVLWLWSSHNRVNARLAGAPSEDPQFPKVQWPPRELCSACHNERLDVPVWDVE
ATLNFLKAHFSPSNIILDFPA
;
_entity_poly.pdbx_strand_id   A,B,C
#
loop_
_chem_comp.id
_chem_comp.type
_chem_comp.name
_chem_comp.formula
FAD non-polymer 'FLAVIN-ADENINE DINUCLEOTIDE' 'C27 H33 N9 O15 P2'
FLC non-polymer 'CITRATE ANION' 'C6 H5 O7 -3'
#
# COMPACT_ATOMS: atom_id res chain seq x y z
N LEU A 8 21.75 -7.32 -8.27
CA LEU A 8 21.03 -7.57 -7.02
C LEU A 8 21.64 -6.81 -5.85
N ALA A 9 21.81 -5.50 -6.02
CA ALA A 9 22.37 -4.66 -4.98
C ALA A 9 21.30 -4.38 -3.92
N ASP A 10 21.75 -4.12 -2.70
CA ASP A 10 20.83 -3.85 -1.59
C ASP A 10 20.35 -2.38 -1.60
N ARG A 11 19.10 -2.17 -2.04
CA ARG A 11 18.51 -0.83 -2.10
C ARG A 11 18.53 -0.05 -0.78
N SER A 12 18.77 -0.74 0.33
CA SER A 12 18.78 -0.06 1.63
C SER A 12 20.18 0.34 2.05
N LYS A 13 21.19 -0.03 1.26
CA LYS A 13 22.57 0.29 1.61
C LYS A 13 23.18 1.34 0.69
N ILE A 14 24.39 1.75 1.04
CA ILE A 14 25.16 2.71 0.28
C ILE A 14 26.44 1.95 -0.01
N TYR A 15 26.90 1.97 -1.26
CA TYR A 15 28.13 1.29 -1.61
C TYR A 15 29.26 2.29 -1.77
N MET A 16 30.36 2.07 -1.07
CA MET A 16 31.48 2.98 -1.15
C MET A 16 31.94 3.13 -2.59
N ALA A 17 31.77 2.08 -3.38
CA ALA A 17 32.17 2.10 -4.78
C ALA A 17 31.43 3.19 -5.56
N ASP A 18 30.14 3.37 -5.28
CA ASP A 18 29.37 4.40 -5.98
C ASP A 18 29.90 5.78 -5.58
N LEU A 19 30.20 5.97 -4.30
CA LEU A 19 30.68 7.25 -3.83
C LEU A 19 32.06 7.62 -4.40
N GLU A 20 33.00 6.67 -4.36
CA GLU A 20 34.34 6.94 -4.88
C GLU A 20 34.32 7.12 -6.40
N SER A 21 33.44 6.41 -7.09
CA SER A 21 33.32 6.54 -8.54
C SER A 21 32.80 7.93 -8.86
N ALA A 22 31.86 8.41 -8.04
CA ALA A 22 31.32 9.75 -8.25
C ALA A 22 32.48 10.76 -8.16
N LEU A 23 33.28 10.67 -7.10
CA LEU A 23 34.43 11.55 -6.97
C LEU A 23 35.35 11.47 -8.19
N HIS A 24 35.65 10.25 -8.62
CA HIS A 24 36.51 10.05 -9.78
C HIS A 24 35.95 10.75 -11.03
N TYR A 25 34.68 10.52 -11.29
CA TYR A 25 34.01 11.08 -12.46
C TYR A 25 33.98 12.61 -12.39
N ILE A 26 33.74 13.14 -11.20
CA ILE A 26 33.71 14.59 -11.01
C ILE A 26 35.05 15.23 -11.37
N LEU A 27 36.12 14.75 -10.74
CA LEU A 27 37.45 15.30 -10.95
C LEU A 27 38.08 15.07 -12.32
N ARG A 28 37.88 13.89 -12.90
CA ARG A 28 38.47 13.56 -14.19
C ARG A 28 37.59 13.85 -15.40
N ILE A 29 36.27 13.79 -15.23
CA ILE A 29 35.37 14.04 -16.35
C ILE A 29 34.68 15.39 -16.32
N GLU A 30 33.77 15.58 -15.36
CA GLU A 30 33.04 16.84 -15.29
C GLU A 30 33.91 18.08 -15.19
N VAL A 31 34.83 18.10 -14.23
CA VAL A 31 35.71 19.27 -14.10
C VAL A 31 36.61 19.37 -15.33
N GLY A 32 36.89 18.22 -15.95
CA GLY A 32 37.73 18.18 -17.14
C GLY A 32 37.11 18.68 -18.45
N ARG A 33 35.84 19.08 -18.40
CA ARG A 33 35.17 19.57 -19.61
C ARG A 33 35.60 21.00 -19.92
N PHE A 34 36.20 21.66 -18.94
CA PHE A 34 36.62 23.05 -19.09
C PHE A 34 38.14 23.19 -19.15
N PRO A 35 38.67 23.61 -20.32
CA PRO A 35 40.12 23.78 -20.51
C PRO A 35 40.70 24.69 -19.45
N VAL A 36 39.90 25.65 -18.99
CA VAL A 36 40.38 26.58 -17.98
C VAL A 36 39.30 26.78 -16.92
N LEU A 37 39.71 26.72 -15.66
CA LEU A 37 38.84 26.90 -14.51
C LEU A 37 39.10 28.32 -13.99
N GLU A 38 38.07 29.16 -14.03
CA GLU A 38 38.22 30.55 -13.60
C GLU A 38 36.91 31.15 -13.13
N GLY A 39 36.99 32.40 -12.65
CA GLY A 39 35.82 33.09 -12.18
C GLY A 39 35.03 32.32 -11.13
N GLN A 40 33.71 32.40 -11.22
CA GLN A 40 32.82 31.72 -10.28
C GLN A 40 32.86 30.20 -10.40
N ARG A 41 33.23 29.69 -11.57
CA ARG A 41 33.31 28.25 -11.73
C ARG A 41 34.42 27.72 -10.81
N LEU A 42 35.55 28.42 -10.79
CA LEU A 42 36.67 28.03 -9.94
C LEU A 42 36.27 28.18 -8.48
N VAL A 43 35.55 29.25 -8.16
CA VAL A 43 35.11 29.46 -6.78
C VAL A 43 34.19 28.29 -6.38
N ALA A 44 33.27 27.92 -7.28
CA ALA A 44 32.34 26.83 -7.02
C ALA A 44 33.11 25.53 -6.78
N LEU A 45 34.15 25.29 -7.58
CA LEU A 45 34.96 24.08 -7.44
C LEU A 45 35.64 24.05 -6.07
N LYS A 46 36.21 25.18 -5.66
CA LYS A 46 36.90 25.27 -4.38
C LYS A 46 35.95 25.08 -3.20
N LYS A 47 34.74 25.61 -3.32
CA LYS A 47 33.78 25.47 -2.23
C LYS A 47 33.29 24.04 -2.12
N PHE A 48 33.11 23.38 -3.27
CA PHE A 48 32.65 21.99 -3.27
C PHE A 48 33.75 21.04 -2.76
N VAL A 49 35.00 21.29 -3.17
CA VAL A 49 36.10 20.45 -2.73
C VAL A 49 36.29 20.64 -1.22
N ALA A 50 36.10 21.88 -0.74
CA ALA A 50 36.22 22.16 0.68
C ALA A 50 35.16 21.33 1.41
N VAL A 51 33.97 21.27 0.83
CA VAL A 51 32.88 20.49 1.42
C VAL A 51 33.22 18.99 1.43
N LEU A 52 33.79 18.50 0.33
CA LEU A 52 34.16 17.09 0.26
C LEU A 52 35.24 16.76 1.30
N ALA A 53 36.29 17.58 1.35
CA ALA A 53 37.38 17.35 2.29
C ALA A 53 36.86 17.22 3.72
N LYS A 54 35.80 17.95 4.05
CA LYS A 54 35.26 17.91 5.39
C LYS A 54 34.14 16.91 5.64
N TYR A 55 33.24 16.75 4.68
CA TYR A 55 32.09 15.87 4.87
C TYR A 55 32.02 14.54 4.13
N PHE A 56 32.85 14.32 3.11
CA PHE A 56 32.80 13.05 2.41
C PHE A 56 33.20 11.96 3.41
N PRO A 57 32.41 10.87 3.49
CA PRO A 57 32.68 9.76 4.42
C PRO A 57 33.76 8.82 3.90
N GLY A 58 34.93 9.37 3.59
CA GLY A 58 35.98 8.55 3.03
C GLY A 58 36.90 7.76 3.93
N ARG A 59 37.49 6.72 3.35
CA ARG A 59 38.44 5.89 4.07
C ARG A 59 39.65 6.81 4.23
N PRO A 60 40.60 6.44 5.11
CA PRO A 60 41.80 7.24 5.36
C PRO A 60 42.56 7.72 4.12
N LEU A 61 42.85 6.83 3.18
CA LEU A 61 43.58 7.24 1.99
C LEU A 61 42.79 8.28 1.17
N VAL A 62 41.48 8.07 1.06
CA VAL A 62 40.63 8.98 0.29
C VAL A 62 40.48 10.33 0.99
N GLN A 63 40.33 10.31 2.31
CA GLN A 63 40.18 11.57 3.04
C GLN A 63 41.49 12.35 2.97
N ASN A 64 42.63 11.64 2.99
CA ASN A 64 43.92 12.30 2.91
C ASN A 64 44.07 12.92 1.51
N PHE A 65 43.57 12.21 0.52
CA PHE A 65 43.62 12.67 -0.87
C PHE A 65 42.79 13.95 -1.05
N LEU A 66 41.57 13.95 -0.51
CA LEU A 66 40.70 15.13 -0.63
C LEU A 66 41.30 16.34 0.10
N HIS A 67 41.89 16.11 1.27
CA HIS A 67 42.50 17.20 2.03
C HIS A 67 43.70 17.77 1.23
N SER A 68 44.45 16.87 0.59
CA SER A 68 45.61 17.31 -0.19
C SER A 68 45.19 18.12 -1.42
N VAL A 69 44.10 17.73 -2.06
CA VAL A 69 43.61 18.46 -3.22
C VAL A 69 43.03 19.79 -2.76
N ASN A 70 42.29 19.76 -1.66
CA ASN A 70 41.68 20.95 -1.10
C ASN A 70 42.75 22.00 -0.81
N GLU A 71 43.82 21.57 -0.14
CA GLU A 71 44.92 22.47 0.20
C GLU A 71 45.67 23.00 -1.02
N TRP A 72 45.84 22.14 -2.02
CA TRP A 72 46.51 22.56 -3.25
C TRP A 72 45.70 23.70 -3.88
N LEU A 73 44.37 23.54 -3.92
CA LEU A 73 43.49 24.55 -4.50
C LEU A 73 43.57 25.86 -3.73
N LYS A 74 43.55 25.75 -2.40
CA LYS A 74 43.61 26.92 -1.53
C LYS A 74 44.90 27.71 -1.75
N ARG A 75 45.97 27.03 -2.12
CA ARG A 75 47.24 27.70 -2.35
C ARG A 75 47.32 28.44 -3.69
N GLN A 76 46.60 27.96 -4.70
CA GLN A 76 46.63 28.62 -6.00
C GLN A 76 46.01 30.01 -5.84
N LYS A 77 46.86 31.03 -5.77
CA LYS A 77 46.40 32.41 -5.63
C LYS A 77 45.80 32.95 -6.92
N ARG A 78 46.30 32.47 -8.05
CA ARG A 78 45.82 32.90 -9.36
C ARG A 78 44.30 32.86 -9.47
N ASN A 79 43.76 33.50 -10.51
CA ASN A 79 42.33 33.52 -10.72
C ASN A 79 41.96 32.47 -11.76
N LYS A 80 42.96 32.04 -12.53
CA LYS A 80 42.75 31.03 -13.56
C LYS A 80 43.63 29.82 -13.35
N ILE A 81 43.03 28.63 -13.45
CA ILE A 81 43.75 27.39 -13.27
C ILE A 81 43.49 26.49 -14.46
N PRO A 82 44.53 26.26 -15.30
CA PRO A 82 44.33 25.39 -16.47
C PRO A 82 43.96 23.99 -15.99
N TYR A 83 43.02 23.34 -16.66
CA TYR A 83 42.66 22.01 -16.23
C TYR A 83 43.89 21.09 -16.26
N SER A 84 44.73 21.26 -17.26
CA SER A 84 45.92 20.41 -17.38
C SER A 84 46.77 20.51 -16.11
N PHE A 85 46.79 21.69 -15.51
CA PHE A 85 47.54 21.94 -14.28
C PHE A 85 46.85 21.22 -13.11
N PHE A 86 45.52 21.19 -13.12
CA PHE A 86 44.76 20.51 -12.08
C PHE A 86 44.94 18.99 -12.23
N LYS A 87 45.01 18.52 -13.48
CA LYS A 87 45.19 17.08 -13.75
C LYS A 87 46.53 16.61 -13.20
N THR A 88 47.54 17.46 -13.33
CA THR A 88 48.86 17.14 -12.83
C THR A 88 48.82 17.00 -11.32
N ALA A 89 48.04 17.86 -10.66
CA ALA A 89 47.92 17.82 -9.20
C ALA A 89 47.22 16.53 -8.75
N LEU A 90 46.24 16.09 -9.52
CA LEU A 90 45.51 14.86 -9.23
C LEU A 90 46.47 13.67 -9.42
N ASP A 91 47.20 13.68 -10.53
CA ASP A 91 48.14 12.60 -10.82
C ASP A 91 49.21 12.52 -9.74
N ASP A 92 49.74 13.67 -9.32
CA ASP A 92 50.78 13.71 -8.29
C ASP A 92 50.28 13.14 -6.98
N ARG A 93 48.99 13.30 -6.73
CA ARG A 93 48.39 12.80 -5.50
C ARG A 93 47.82 11.40 -5.67
N LYS A 94 48.21 10.75 -6.76
CA LYS A 94 47.80 9.38 -7.07
C LYS A 94 46.30 9.08 -6.99
N GLU A 95 45.46 9.95 -7.54
CA GLU A 95 44.02 9.71 -7.46
C GLU A 95 43.60 8.40 -8.10
N GLY A 96 44.35 7.96 -9.11
CA GLY A 96 44.05 6.71 -9.77
C GLY A 96 44.25 5.53 -8.84
N ALA A 97 45.30 5.59 -8.03
CA ALA A 97 45.58 4.53 -7.09
C ALA A 97 44.60 4.60 -5.91
N VAL A 98 44.39 5.81 -5.41
CA VAL A 98 43.48 6.06 -4.30
C VAL A 98 42.01 5.77 -4.62
N LEU A 99 41.55 6.22 -5.78
CA LEU A 99 40.16 5.97 -6.17
C LEU A 99 40.13 4.79 -7.14
N ALA A 100 40.25 5.08 -8.43
CA ALA A 100 40.23 4.02 -9.44
C ALA A 100 40.40 4.63 -10.82
N LYS A 101 40.72 3.79 -11.80
CA LYS A 101 40.91 4.25 -13.17
C LYS A 101 39.57 4.32 -13.91
N LYS A 102 38.71 3.33 -13.67
CA LYS A 102 37.41 3.29 -14.32
C LYS A 102 36.30 3.27 -13.28
N VAL A 103 35.13 3.78 -13.66
CA VAL A 103 34.00 3.82 -12.74
C VAL A 103 33.46 2.41 -12.46
N ASN A 104 32.89 2.24 -11.28
CA ASN A 104 32.32 0.96 -10.87
C ASN A 104 31.06 1.25 -10.07
N TRP A 105 29.92 1.11 -10.72
CA TRP A 105 28.62 1.36 -10.08
C TRP A 105 28.12 0.06 -9.47
N ILE A 106 27.54 0.16 -8.28
CA ILE A 106 26.97 -1.03 -7.66
C ILE A 106 25.52 -0.71 -7.37
N GLY A 107 25.27 0.25 -6.48
CA GLY A 107 23.91 0.62 -6.16
C GLY A 107 23.35 1.55 -7.21
N CYS A 108 24.23 2.01 -8.11
CA CYS A 108 23.83 2.92 -9.18
C CYS A 108 24.00 2.31 -10.57
N GLN A 109 24.10 0.99 -10.61
CA GLN A 109 24.27 0.24 -11.84
C GLN A 109 22.99 0.25 -12.70
N GLY A 110 23.07 0.81 -13.90
CA GLY A 110 21.88 0.82 -14.75
C GLY A 110 21.72 -0.52 -15.45
N SER A 111 20.49 -0.91 -15.79
CA SER A 111 20.26 -2.19 -16.48
C SER A 111 20.87 -2.10 -17.88
N GLU A 112 21.17 -0.87 -18.29
CA GLU A 112 21.81 -0.58 -19.57
C GLU A 112 22.75 0.60 -19.31
N PRO A 113 23.90 0.62 -20.00
CA PRO A 113 24.92 1.67 -19.86
C PRO A 113 24.42 3.11 -19.81
N HIS A 114 23.43 3.44 -20.64
CA HIS A 114 22.92 4.81 -20.65
C HIS A 114 21.96 5.13 -19.49
N PHE A 115 21.56 4.12 -18.73
CA PHE A 115 20.66 4.33 -17.60
C PHE A 115 21.46 4.54 -16.31
N ARG A 116 20.90 5.34 -15.42
CA ARG A 116 21.49 5.60 -14.11
C ARG A 116 22.97 5.99 -14.19
N GLY A 117 23.80 5.32 -13.41
CA GLY A 117 25.21 5.64 -13.44
C GLY A 117 25.60 6.88 -12.64
N PHE A 118 26.46 7.71 -13.22
CA PHE A 118 26.93 8.90 -12.54
C PHE A 118 25.84 9.77 -11.91
N PRO A 119 24.77 10.11 -12.67
CA PRO A 119 23.68 10.93 -12.14
C PRO A 119 23.15 10.36 -10.83
N CYS A 120 23.02 9.04 -10.78
CA CYS A 120 22.55 8.35 -9.59
C CYS A 120 23.56 8.55 -8.47
N SER A 121 24.84 8.36 -8.79
CA SER A 121 25.88 8.50 -7.78
C SER A 121 26.00 9.93 -7.27
N LEU A 122 25.66 10.90 -8.12
CA LEU A 122 25.75 12.30 -7.71
C LEU A 122 24.68 12.63 -6.68
N TRP A 123 23.45 12.15 -6.90
CA TRP A 123 22.37 12.34 -5.95
C TRP A 123 22.78 11.73 -4.61
N VAL A 124 23.29 10.50 -4.65
CA VAL A 124 23.68 9.82 -3.42
C VAL A 124 24.73 10.64 -2.69
N LEU A 125 25.76 11.07 -3.42
CA LEU A 125 26.83 11.89 -2.83
C LEU A 125 26.26 13.16 -2.20
N PHE A 126 25.40 13.88 -2.94
CA PHE A 126 24.80 15.11 -2.43
C PHE A 126 24.02 14.90 -1.13
N HIS A 127 23.12 13.91 -1.12
CA HIS A 127 22.33 13.62 0.06
C HIS A 127 23.25 13.29 1.24
N PHE A 128 24.28 12.52 0.97
CA PHE A 128 25.20 12.14 2.02
C PHE A 128 25.88 13.35 2.61
N LEU A 129 26.29 14.29 1.76
CA LEU A 129 26.96 15.50 2.24
C LEU A 129 26.01 16.29 3.14
N THR A 130 24.73 16.41 2.77
CA THR A 130 23.81 17.18 3.61
C THR A 130 23.61 16.52 4.97
N VAL A 131 23.53 15.19 4.97
CA VAL A 131 23.33 14.47 6.22
C VAL A 131 24.56 14.56 7.11
N GLN A 132 25.75 14.40 6.53
CA GLN A 132 26.97 14.50 7.31
C GLN A 132 27.01 15.87 8.01
N ALA A 133 26.60 16.91 7.29
CA ALA A 133 26.60 18.26 7.83
C ALA A 133 25.56 18.48 8.92
N ALA A 134 24.54 17.63 8.94
CA ALA A 134 23.47 17.73 9.92
C ALA A 134 23.76 16.90 11.16
N ARG A 135 24.71 15.99 11.06
CA ARG A 135 25.09 15.18 12.21
C ARG A 135 26.21 15.93 12.86
N GLN A 136 25.97 17.23 13.06
CA GLN A 136 26.96 18.13 13.64
C GLN A 136 26.32 19.01 14.71
N LYS A 146 30.37 26.41 8.25
CA LYS A 146 30.74 25.46 7.21
C LYS A 146 29.53 24.63 6.79
N ALA A 147 28.89 24.00 7.77
CA ALA A 147 27.72 23.17 7.52
C ALA A 147 26.72 23.88 6.60
N LYS A 148 26.49 25.16 6.88
CA LYS A 148 25.56 25.96 6.10
C LYS A 148 26.03 26.19 4.66
N GLU A 149 27.26 25.80 4.37
CA GLU A 149 27.78 25.99 3.02
C GLU A 149 27.62 24.76 2.14
N VAL A 150 27.04 23.70 2.68
CA VAL A 150 26.88 22.48 1.91
C VAL A 150 25.91 22.60 0.74
N LEU A 151 24.68 23.03 1.00
CA LEU A 151 23.69 23.15 -0.05
C LEU A 151 24.10 24.20 -1.10
N PRO A 152 24.64 25.35 -0.66
CA PRO A 152 25.03 26.34 -1.67
C PRO A 152 26.17 25.78 -2.53
N ALA A 153 27.08 25.05 -1.90
CA ALA A 153 28.22 24.46 -2.59
C ALA A 153 27.72 23.42 -3.61
N ILE A 154 26.67 22.69 -3.23
CA ILE A 154 26.09 21.69 -4.12
C ILE A 154 25.41 22.40 -5.28
N ARG A 155 24.70 23.48 -4.98
CA ARG A 155 24.02 24.24 -6.03
C ARG A 155 25.11 24.78 -6.95
N GLY A 156 26.18 25.28 -6.36
CA GLY A 156 27.28 25.81 -7.14
C GLY A 156 27.85 24.77 -8.08
N TYR A 157 28.01 23.55 -7.59
CA TYR A 157 28.57 22.48 -8.42
C TYR A 157 27.66 22.12 -9.58
N VAL A 158 26.37 21.96 -9.29
CA VAL A 158 25.40 21.62 -10.32
C VAL A 158 25.41 22.66 -11.45
N HIS A 159 25.34 23.93 -11.05
CA HIS A 159 25.32 25.03 -12.03
C HIS A 159 26.56 25.07 -12.92
N TYR A 160 27.73 25.09 -12.30
CA TYR A 160 28.99 25.19 -13.05
C TYR A 160 29.67 23.95 -13.61
N PHE A 161 29.29 22.75 -13.15
CA PHE A 161 29.96 21.55 -13.65
C PHE A 161 29.12 20.36 -14.08
N PHE A 162 27.90 20.26 -13.58
CA PHE A 162 27.09 19.10 -13.92
C PHE A 162 26.77 18.95 -15.40
N GLY A 163 27.23 17.83 -15.96
CA GLY A 163 27.03 17.51 -17.36
C GLY A 163 25.67 17.85 -17.94
N CYS A 164 24.80 16.85 -18.03
CA CYS A 164 23.47 17.07 -18.60
C CYS A 164 22.77 18.31 -18.04
N ARG A 165 22.89 19.40 -18.78
CA ARG A 165 22.29 20.68 -18.40
C ARG A 165 20.78 20.50 -18.26
N ASP A 166 20.26 19.44 -18.88
CA ASP A 166 18.84 19.16 -18.78
C ASP A 166 18.63 18.81 -17.31
N CYS A 167 19.50 17.94 -16.81
CA CYS A 167 19.44 17.53 -15.43
C CYS A 167 19.61 18.75 -14.54
N ALA A 168 20.63 19.55 -14.85
CA ALA A 168 20.93 20.76 -14.08
C ALA A 168 19.76 21.73 -14.03
N SER A 169 19.39 22.25 -15.19
CA SER A 169 18.29 23.20 -15.31
C SER A 169 17.13 22.97 -14.33
N HIS A 170 16.63 21.74 -14.26
CA HIS A 170 15.53 21.42 -13.37
C HIS A 170 15.88 21.63 -11.90
N PHE A 171 17.14 21.41 -11.56
CA PHE A 171 17.60 21.56 -10.18
C PHE A 171 17.67 23.04 -9.77
N GLU A 172 18.18 23.86 -10.67
CA GLU A 172 18.30 25.29 -10.37
C GLU A 172 16.92 25.95 -10.25
N GLN A 173 15.94 25.39 -10.97
CA GLN A 173 14.59 25.92 -10.92
C GLN A 173 14.06 25.83 -9.50
N MET A 174 14.35 24.71 -8.84
CA MET A 174 13.90 24.49 -7.48
C MET A 174 14.65 25.38 -6.49
N ALA A 175 15.96 25.46 -6.61
CA ALA A 175 16.78 26.27 -5.72
C ALA A 175 16.30 27.71 -5.56
N ALA A 176 16.23 28.44 -6.65
CA ALA A 176 15.79 29.84 -6.61
C ALA A 176 14.36 29.96 -6.12
N ALA A 177 13.56 28.93 -6.38
CA ALA A 177 12.18 28.94 -5.95
C ALA A 177 12.06 28.83 -4.43
N SER A 178 12.99 28.12 -3.79
CA SER A 178 12.89 27.97 -2.35
C SER A 178 14.14 27.60 -1.55
N MET A 179 15.25 27.28 -2.20
CA MET A 179 16.44 26.92 -1.43
C MET A 179 16.76 27.98 -0.38
N HIS A 180 16.30 29.20 -0.62
CA HIS A 180 16.55 30.31 0.29
C HIS A 180 15.71 30.22 1.58
N ARG A 181 14.81 29.25 1.64
CA ARG A 181 13.96 29.06 2.83
C ARG A 181 14.64 28.12 3.83
N VAL A 182 15.66 27.41 3.36
CA VAL A 182 16.42 26.49 4.22
C VAL A 182 17.18 27.27 5.28
N GLY A 183 16.81 27.08 6.55
CA GLY A 183 17.48 27.80 7.62
C GLY A 183 18.25 26.94 8.59
N SER A 184 18.51 25.69 8.24
CA SER A 184 19.26 24.82 9.14
C SER A 184 19.77 23.56 8.42
N PRO A 185 20.76 22.89 9.02
CA PRO A 185 21.29 21.67 8.39
C PRO A 185 20.18 20.64 8.16
N ASN A 186 19.29 20.47 9.14
CA ASN A 186 18.20 19.51 8.99
C ASN A 186 17.26 19.90 7.87
N ALA A 187 16.95 21.19 7.79
CA ALA A 187 16.08 21.70 6.74
C ALA A 187 16.73 21.45 5.38
N ALA A 188 18.05 21.61 5.32
CA ALA A 188 18.79 21.41 4.07
C ALA A 188 18.67 19.96 3.64
N VAL A 189 18.72 19.05 4.61
CA VAL A 189 18.59 17.63 4.32
C VAL A 189 17.22 17.35 3.69
N LEU A 190 16.18 17.90 4.32
CA LEU A 190 14.82 17.71 3.85
C LEU A 190 14.57 18.41 2.54
N TRP A 191 15.21 19.55 2.35
CA TRP A 191 15.03 20.31 1.11
C TRP A 191 15.52 19.50 -0.09
N LEU A 192 16.69 18.90 0.05
CA LEU A 192 17.27 18.12 -1.05
C LEU A 192 16.42 16.87 -1.29
N TRP A 193 15.97 16.26 -0.19
CA TRP A 193 15.15 15.06 -0.26
C TRP A 193 13.86 15.31 -1.04
N SER A 194 13.10 16.33 -0.63
CA SER A 194 11.84 16.62 -1.31
C SER A 194 12.08 17.13 -2.72
N SER A 195 13.16 17.88 -2.94
CA SER A 195 13.46 18.38 -4.27
C SER A 195 13.75 17.19 -5.19
N HIS A 196 14.42 16.18 -4.65
CA HIS A 196 14.74 15.00 -5.43
C HIS A 196 13.43 14.27 -5.78
N ASN A 197 12.48 14.23 -4.85
CA ASN A 197 11.22 13.58 -5.15
C ASN A 197 10.41 14.32 -6.21
N ARG A 198 10.55 15.64 -6.27
CA ARG A 198 9.83 16.42 -7.26
C ARG A 198 10.38 16.04 -8.65
N VAL A 199 11.68 15.72 -8.70
CA VAL A 199 12.32 15.31 -9.95
C VAL A 199 11.84 13.90 -10.27
N ASN A 200 11.75 13.06 -9.22
CA ASN A 200 11.31 11.69 -9.40
C ASN A 200 9.93 11.65 -10.04
N ALA A 201 9.05 12.54 -9.60
CA ALA A 201 7.69 12.60 -10.11
C ALA A 201 7.64 12.91 -11.62
N ARG A 202 8.44 13.88 -12.07
CA ARG A 202 8.45 14.23 -13.49
C ARG A 202 9.06 13.15 -14.37
N LEU A 203 9.98 12.38 -13.80
CA LEU A 203 10.66 11.31 -14.54
C LEU A 203 9.97 9.95 -14.50
N ALA A 204 9.05 9.79 -13.54
CA ALA A 204 8.33 8.54 -13.36
C ALA A 204 7.68 8.03 -14.65
N GLY A 205 8.01 6.79 -15.01
CA GLY A 205 7.45 6.16 -16.20
C GLY A 205 7.80 6.82 -17.52
N ALA A 206 8.82 7.67 -17.52
CA ALA A 206 9.23 8.34 -18.75
C ALA A 206 10.03 7.40 -19.65
N PRO A 207 10.07 7.71 -20.96
CA PRO A 207 10.82 6.87 -21.90
C PRO A 207 12.28 6.67 -21.48
N SER A 208 12.81 7.61 -20.69
CA SER A 208 14.20 7.55 -20.22
C SER A 208 14.39 6.83 -18.88
N GLU A 209 13.31 6.30 -18.33
CA GLU A 209 13.35 5.59 -17.05
C GLU A 209 13.92 4.18 -17.19
N ASP A 210 14.88 3.82 -16.34
CA ASP A 210 15.45 2.48 -16.36
C ASP A 210 14.31 1.54 -15.93
N PRO A 211 13.87 0.65 -16.82
CA PRO A 211 12.78 -0.27 -16.49
C PRO A 211 13.00 -1.07 -15.21
N GLN A 212 14.25 -1.37 -14.91
CA GLN A 212 14.58 -2.15 -13.72
C GLN A 212 14.58 -1.34 -12.44
N PHE A 213 14.50 -0.02 -12.56
CA PHE A 213 14.50 0.86 -11.40
C PHE A 213 13.49 1.99 -11.58
N PRO A 214 12.19 1.66 -11.50
CA PRO A 214 11.10 2.63 -11.66
C PRO A 214 11.17 3.75 -10.64
N LYS A 215 10.83 4.97 -11.06
CA LYS A 215 10.85 6.12 -10.17
C LYS A 215 9.68 6.03 -9.18
N VAL A 216 9.94 6.39 -7.93
CA VAL A 216 8.89 6.38 -6.91
C VAL A 216 9.17 7.52 -5.93
N GLN A 217 8.18 7.85 -5.12
CA GLN A 217 8.35 8.87 -4.10
C GLN A 217 9.11 8.14 -3.01
N TRP A 218 10.38 8.49 -2.89
CA TRP A 218 11.33 7.87 -1.98
C TRP A 218 11.41 8.50 -0.58
N PRO A 219 11.59 7.68 0.46
CA PRO A 219 11.74 6.22 0.45
C PRO A 219 10.40 5.48 0.34
N PRO A 220 10.37 4.37 -0.42
CA PRO A 220 9.12 3.63 -0.56
C PRO A 220 8.76 2.97 0.77
N ARG A 221 7.52 2.52 0.92
CA ARG A 221 7.07 1.90 2.16
C ARG A 221 7.87 0.69 2.63
N GLU A 222 8.35 -0.12 1.70
CA GLU A 222 9.11 -1.30 2.09
C GLU A 222 10.47 -0.92 2.69
N LEU A 223 10.93 0.29 2.39
CA LEU A 223 12.20 0.76 2.90
C LEU A 223 11.99 1.46 4.25
N CYS A 224 11.00 2.34 4.32
CA CYS A 224 10.69 3.06 5.55
C CYS A 224 9.18 3.20 5.68
N SER A 225 8.57 2.33 6.48
CA SER A 225 7.12 2.38 6.63
C SER A 225 6.65 3.51 7.52
N ALA A 226 7.43 3.87 8.54
CA ALA A 226 7.05 4.94 9.46
C ALA A 226 7.10 6.32 8.80
N CYS A 227 7.87 6.43 7.72
CA CYS A 227 8.00 7.71 7.01
C CYS A 227 6.69 8.12 6.36
N HIS A 228 5.80 7.15 6.21
CA HIS A 228 4.50 7.34 5.56
C HIS A 228 3.30 7.47 6.49
N ASN A 229 2.51 8.53 6.27
CA ASN A 229 1.30 8.76 7.05
C ASN A 229 0.15 8.01 6.38
N GLU A 230 -0.99 7.90 7.07
CA GLU A 230 -2.13 7.17 6.52
C GLU A 230 -3.30 8.04 6.07
N ARG A 231 -3.65 9.04 6.86
CA ARG A 231 -4.77 9.91 6.54
C ARG A 231 -4.54 10.80 5.33
N LEU A 232 -5.62 11.07 4.60
CA LEU A 232 -5.54 11.93 3.43
C LEU A 232 -5.78 13.34 3.94
N ASP A 233 -5.82 13.46 5.27
CA ASP A 233 -6.02 14.73 5.93
C ASP A 233 -4.66 15.28 6.38
N VAL A 234 -3.79 14.37 6.84
CA VAL A 234 -2.44 14.74 7.27
C VAL A 234 -1.48 14.58 6.08
N PRO A 235 -0.35 15.33 6.09
CA PRO A 235 0.60 15.24 4.98
C PRO A 235 0.96 13.80 4.61
N VAL A 236 1.45 13.63 3.38
CA VAL A 236 1.84 12.32 2.90
C VAL A 236 2.99 11.77 3.73
N TRP A 237 4.00 12.61 3.95
CA TRP A 237 5.17 12.21 4.70
C TRP A 237 5.23 12.64 6.16
N ASP A 238 5.74 11.77 7.00
CA ASP A 238 5.95 12.09 8.41
C ASP A 238 7.35 12.71 8.35
N VAL A 239 7.42 14.03 8.35
CA VAL A 239 8.68 14.74 8.27
C VAL A 239 9.71 14.36 9.34
N GLU A 240 9.26 14.13 10.56
CA GLU A 240 10.19 13.76 11.63
C GLU A 240 10.74 12.37 11.40
N ALA A 241 9.85 11.42 11.09
CA ALA A 241 10.29 10.05 10.84
C ALA A 241 11.22 10.02 9.63
N THR A 242 10.84 10.76 8.58
CA THR A 242 11.62 10.83 7.35
C THR A 242 13.03 11.38 7.63
N LEU A 243 13.11 12.44 8.43
CA LEU A 243 14.41 13.02 8.77
C LEU A 243 15.30 11.97 9.44
N ASN A 244 14.73 11.22 10.39
CA ASN A 244 15.48 10.19 11.09
C ASN A 244 15.92 9.10 10.12
N PHE A 245 15.02 8.67 9.24
CA PHE A 245 15.40 7.64 8.29
C PHE A 245 16.55 8.15 7.43
N LEU A 246 16.45 9.39 6.98
CA LEU A 246 17.52 9.96 6.14
C LEU A 246 18.87 9.93 6.89
N LYS A 247 18.87 10.34 8.15
CA LYS A 247 20.09 10.36 8.94
C LYS A 247 20.66 8.95 9.12
N ALA A 248 19.77 7.96 9.19
CA ALA A 248 20.20 6.57 9.34
C ALA A 248 20.68 6.00 8.00
N HIS A 249 19.95 6.30 6.94
CA HIS A 249 20.29 5.78 5.61
C HIS A 249 21.62 6.32 5.07
N PHE A 250 21.77 7.63 5.09
CA PHE A 250 23.00 8.25 4.60
C PHE A 250 24.01 8.44 5.73
N SER A 251 24.43 7.33 6.34
CA SER A 251 25.40 7.36 7.44
C SER A 251 26.55 6.39 7.16
N PRO A 252 27.74 6.69 7.71
CA PRO A 252 28.92 5.84 7.51
C PRO A 252 28.68 4.37 7.84
N SER A 253 27.86 4.09 8.84
CA SER A 253 27.59 2.70 9.23
C SER A 253 26.76 1.96 8.18
N ASN A 254 26.03 2.70 7.35
CA ASN A 254 25.20 2.09 6.32
C ASN A 254 25.94 1.94 4.99
N ILE A 255 27.25 2.16 5.01
CA ILE A 255 28.04 2.02 3.78
C ILE A 255 28.68 0.65 3.71
N ILE A 256 28.58 0.02 2.55
CA ILE A 256 29.17 -1.29 2.34
C ILE A 256 30.51 -1.06 1.63
N LEU A 257 31.58 -1.47 2.27
CA LEU A 257 32.95 -1.32 1.76
C LEU A 257 33.35 -2.24 0.62
N ASP B 10 -6.44 -4.87 -21.19
CA ASP B 10 -6.00 -3.58 -21.78
C ASP B 10 -6.36 -2.43 -20.83
N ARG B 11 -5.36 -1.93 -20.11
CA ARG B 11 -5.59 -0.85 -19.15
C ARG B 11 -6.02 0.48 -19.77
N SER B 12 -5.97 0.60 -21.08
CA SER B 12 -6.37 1.84 -21.75
C SER B 12 -7.86 1.77 -22.08
N LYS B 13 -8.49 0.67 -21.74
CA LYS B 13 -9.91 0.50 -22.00
C LYS B 13 -10.70 -0.01 -20.81
N ILE B 14 -12.00 0.27 -20.85
CA ILE B 14 -12.91 -0.13 -19.81
C ILE B 14 -13.76 -1.30 -20.29
N TYR B 15 -14.12 -2.18 -19.37
CA TYR B 15 -14.93 -3.33 -19.72
C TYR B 15 -16.30 -3.22 -19.08
N MET B 16 -17.34 -3.22 -19.92
CA MET B 16 -18.70 -3.11 -19.45
C MET B 16 -18.95 -4.16 -18.35
N ALA B 17 -18.19 -5.26 -18.40
CA ALA B 17 -18.31 -6.31 -17.41
C ALA B 17 -17.98 -5.79 -16.01
N ASP B 18 -16.94 -4.97 -15.90
CA ASP B 18 -16.56 -4.41 -14.61
C ASP B 18 -17.64 -3.45 -14.12
N LEU B 19 -18.21 -2.67 -15.05
CA LEU B 19 -19.25 -1.71 -14.68
C LEU B 19 -20.53 -2.37 -14.20
N GLU B 20 -20.88 -3.49 -14.83
CA GLU B 20 -22.10 -4.20 -14.44
C GLU B 20 -21.96 -4.99 -13.13
N SER B 21 -20.77 -5.54 -12.87
CA SER B 21 -20.57 -6.28 -11.63
C SER B 21 -20.63 -5.30 -10.46
N ALA B 22 -20.16 -4.08 -10.69
CA ALA B 22 -20.19 -3.05 -9.67
C ALA B 22 -21.65 -2.74 -9.32
N LEU B 23 -22.49 -2.60 -10.34
CA LEU B 23 -23.90 -2.32 -10.12
C LEU B 23 -24.53 -3.45 -9.34
N HIS B 24 -24.24 -4.68 -9.75
CA HIS B 24 -24.77 -5.86 -9.09
C HIS B 24 -24.31 -5.93 -7.63
N TYR B 25 -23.01 -5.69 -7.41
CA TYR B 25 -22.43 -5.76 -6.07
C TYR B 25 -23.03 -4.67 -5.18
N ILE B 26 -23.25 -3.50 -5.77
CA ILE B 26 -23.83 -2.39 -5.04
C ILE B 26 -25.27 -2.70 -4.61
N LEU B 27 -26.10 -3.08 -5.58
CA LEU B 27 -27.51 -3.35 -5.34
C LEU B 27 -27.82 -4.56 -4.48
N ARG B 28 -27.05 -5.63 -4.66
CA ARG B 28 -27.28 -6.87 -3.93
C ARG B 28 -26.43 -7.07 -2.68
N ILE B 29 -25.23 -6.50 -2.66
CA ILE B 29 -24.35 -6.68 -1.52
C ILE B 29 -24.24 -5.49 -0.57
N GLU B 30 -23.72 -4.37 -1.07
CA GLU B 30 -23.56 -3.19 -0.24
C GLU B 30 -24.87 -2.70 0.38
N VAL B 31 -25.90 -2.52 -0.45
CA VAL B 31 -27.20 -2.07 0.05
C VAL B 31 -27.82 -3.21 0.85
N GLY B 32 -27.49 -4.44 0.46
CA GLY B 32 -28.00 -5.62 1.13
C GLY B 32 -27.47 -5.83 2.53
N ARG B 33 -26.42 -5.11 2.89
CA ARG B 33 -25.83 -5.22 4.21
C ARG B 33 -26.70 -4.53 5.26
N PHE B 34 -27.76 -3.87 4.80
CA PHE B 34 -28.66 -3.16 5.71
C PHE B 34 -30.07 -3.74 5.67
N PRO B 35 -30.49 -4.38 6.77
CA PRO B 35 -31.83 -4.98 6.87
C PRO B 35 -32.89 -3.90 6.70
N VAL B 36 -32.59 -2.73 7.25
CA VAL B 36 -33.49 -1.59 7.20
C VAL B 36 -32.84 -0.37 6.55
N LEU B 37 -33.52 0.17 5.54
CA LEU B 37 -33.04 1.35 4.82
C LEU B 37 -33.89 2.53 5.30
N GLU B 38 -33.27 3.46 6.04
CA GLU B 38 -34.02 4.60 6.54
C GLU B 38 -33.14 5.82 6.77
N GLY B 39 -33.77 6.91 7.24
CA GLY B 39 -33.03 8.12 7.54
C GLY B 39 -32.10 8.61 6.46
N GLN B 40 -31.06 9.35 6.85
CA GLN B 40 -30.11 9.88 5.87
C GLN B 40 -29.58 8.81 4.95
N ARG B 41 -29.38 7.60 5.47
CA ARG B 41 -28.87 6.52 4.62
C ARG B 41 -29.79 6.27 3.43
N LEU B 42 -31.10 6.29 3.68
CA LEU B 42 -32.05 6.07 2.59
C LEU B 42 -32.03 7.27 1.64
N VAL B 43 -31.87 8.46 2.19
CA VAL B 43 -31.81 9.66 1.37
C VAL B 43 -30.61 9.50 0.43
N ALA B 44 -29.46 9.18 1.02
CA ALA B 44 -28.23 9.00 0.27
C ALA B 44 -28.40 7.95 -0.83
N LEU B 45 -29.15 6.89 -0.54
CA LEU B 45 -29.37 5.83 -1.52
C LEU B 45 -30.23 6.32 -2.69
N LYS B 46 -31.26 7.11 -2.38
CA LYS B 46 -32.13 7.63 -3.43
C LYS B 46 -31.35 8.57 -4.34
N LYS B 47 -30.53 9.44 -3.76
CA LYS B 47 -29.76 10.37 -4.55
C LYS B 47 -28.76 9.66 -5.46
N PHE B 48 -28.12 8.61 -4.95
CA PHE B 48 -27.15 7.88 -5.76
C PHE B 48 -27.83 7.11 -6.90
N VAL B 49 -28.96 6.49 -6.61
CA VAL B 49 -29.67 5.75 -7.64
C VAL B 49 -30.17 6.71 -8.73
N ALA B 50 -30.58 7.91 -8.33
CA ALA B 50 -31.03 8.89 -9.31
C ALA B 50 -29.85 9.24 -10.23
N VAL B 51 -28.71 9.51 -9.62
CA VAL B 51 -27.50 9.83 -10.39
C VAL B 51 -27.17 8.68 -11.35
N LEU B 52 -27.35 7.45 -10.86
CA LEU B 52 -27.09 6.27 -11.68
C LEU B 52 -28.05 6.18 -12.85
N ALA B 53 -29.33 6.47 -12.59
CA ALA B 53 -30.33 6.40 -13.65
C ALA B 53 -30.00 7.34 -14.78
N LYS B 54 -29.51 8.52 -14.44
CA LYS B 54 -29.19 9.52 -15.44
C LYS B 54 -27.81 9.50 -16.07
N TYR B 55 -26.80 9.01 -15.34
CA TYR B 55 -25.45 9.01 -15.88
C TYR B 55 -24.73 7.69 -16.13
N PHE B 56 -25.23 6.60 -15.59
CA PHE B 56 -24.56 5.32 -15.82
C PHE B 56 -24.58 5.07 -17.33
N PRO B 57 -23.41 4.72 -17.91
CA PRO B 57 -23.28 4.45 -19.35
C PRO B 57 -23.79 3.07 -19.71
N GLY B 58 -25.00 2.76 -19.28
CA GLY B 58 -25.56 1.46 -19.55
C GLY B 58 -26.08 1.29 -20.95
N ARG B 59 -26.27 0.03 -21.33
CA ARG B 59 -26.82 -0.30 -22.64
C ARG B 59 -28.33 -0.18 -22.47
N PRO B 60 -29.13 -0.50 -23.52
CA PRO B 60 -30.59 -0.38 -23.37
C PRO B 60 -31.17 -1.06 -22.13
N LEU B 61 -31.06 -2.39 -22.07
CA LEU B 61 -31.59 -3.14 -20.95
C LEU B 61 -31.25 -2.46 -19.62
N VAL B 62 -29.96 -2.49 -19.27
CA VAL B 62 -29.45 -1.90 -18.04
C VAL B 62 -30.07 -0.55 -17.70
N GLN B 63 -30.03 0.38 -18.65
CA GLN B 63 -30.58 1.72 -18.43
C GLN B 63 -32.07 1.68 -18.12
N ASN B 64 -32.78 0.68 -18.63
CA ASN B 64 -34.21 0.55 -18.37
C ASN B 64 -34.38 0.09 -16.93
N PHE B 65 -33.55 -0.85 -16.54
CA PHE B 65 -33.57 -1.39 -15.19
C PHE B 65 -33.37 -0.25 -14.20
N LEU B 66 -32.41 0.61 -14.47
CA LEU B 66 -32.11 1.72 -13.57
C LEU B 66 -33.23 2.75 -13.43
N HIS B 67 -33.86 3.14 -14.53
CA HIS B 67 -34.95 4.11 -14.44
C HIS B 67 -36.09 3.49 -13.64
N SER B 68 -36.34 2.21 -13.87
CA SER B 68 -37.41 1.50 -13.18
C SER B 68 -37.16 1.42 -11.67
N VAL B 69 -35.90 1.19 -11.29
CA VAL B 69 -35.56 1.10 -9.87
C VAL B 69 -35.67 2.50 -9.27
N ASN B 70 -35.17 3.50 -10.00
CA ASN B 70 -35.22 4.88 -9.53
C ASN B 70 -36.68 5.27 -9.27
N GLU B 71 -37.54 4.95 -10.24
CA GLU B 71 -38.96 5.25 -10.12
C GLU B 71 -39.56 4.58 -8.88
N TRP B 72 -39.26 3.29 -8.71
CA TRP B 72 -39.76 2.55 -7.55
C TRP B 72 -39.36 3.27 -6.26
N LEU B 73 -38.10 3.68 -6.16
CA LEU B 73 -37.62 4.40 -4.97
C LEU B 73 -38.37 5.71 -4.77
N LYS B 74 -38.58 6.43 -5.88
CA LYS B 74 -39.28 7.71 -5.85
C LYS B 74 -40.72 7.52 -5.39
N ARG B 75 -41.28 6.34 -5.63
CA ARG B 75 -42.67 6.03 -5.24
C ARG B 75 -42.82 5.82 -3.75
N GLN B 76 -41.91 5.05 -3.17
CA GLN B 76 -41.95 4.73 -1.74
C GLN B 76 -42.19 5.96 -0.87
N LYS B 77 -43.30 5.93 -0.14
CA LYS B 77 -43.65 7.05 0.71
C LYS B 77 -43.37 6.77 2.19
N ARG B 78 -42.86 5.57 2.48
CA ARG B 78 -42.54 5.20 3.84
C ARG B 78 -41.10 5.62 4.17
N ASN B 79 -40.91 6.20 5.35
CA ASN B 79 -39.59 6.65 5.78
C ASN B 79 -38.74 5.47 6.23
N LYS B 80 -39.11 4.27 5.78
CA LYS B 80 -38.40 3.07 6.18
C LYS B 80 -38.68 1.96 5.16
N ILE B 81 -37.62 1.37 4.62
CA ILE B 81 -37.77 0.32 3.63
C ILE B 81 -36.95 -0.93 3.94
N PRO B 82 -37.61 -2.05 4.25
CA PRO B 82 -36.89 -3.29 4.56
C PRO B 82 -36.16 -3.73 3.31
N TYR B 83 -34.93 -4.23 3.45
CA TYR B 83 -34.18 -4.64 2.28
C TYR B 83 -34.96 -5.62 1.42
N SER B 84 -35.72 -6.49 2.08
CA SER B 84 -36.53 -7.49 1.39
C SER B 84 -37.45 -6.85 0.36
N PHE B 85 -38.03 -5.70 0.72
CA PHE B 85 -38.93 -5.03 -0.19
C PHE B 85 -38.12 -4.51 -1.38
N PHE B 86 -36.91 -4.01 -1.10
CA PHE B 86 -36.06 -3.52 -2.18
C PHE B 86 -35.64 -4.71 -3.03
N LYS B 87 -35.30 -5.81 -2.36
CA LYS B 87 -34.88 -7.03 -3.03
C LYS B 87 -35.90 -7.50 -4.04
N THR B 88 -37.17 -7.42 -3.65
CA THR B 88 -38.26 -7.84 -4.52
C THR B 88 -38.32 -6.95 -5.75
N ALA B 89 -38.12 -5.65 -5.54
CA ALA B 89 -38.15 -4.71 -6.65
C ALA B 89 -37.08 -5.16 -7.65
N LEU B 90 -35.93 -5.54 -7.12
CA LEU B 90 -34.81 -6.01 -7.96
C LEU B 90 -35.15 -7.30 -8.69
N ASP B 91 -35.89 -8.18 -8.03
CA ASP B 91 -36.26 -9.45 -8.65
C ASP B 91 -37.27 -9.28 -9.77
N ASP B 92 -38.34 -8.54 -9.49
CA ASP B 92 -39.37 -8.30 -10.49
C ASP B 92 -38.73 -7.71 -11.73
N ARG B 93 -37.93 -6.67 -11.53
CA ARG B 93 -37.25 -6.00 -12.61
C ARG B 93 -36.12 -6.86 -13.19
N LYS B 94 -36.04 -8.08 -12.68
CA LYS B 94 -35.08 -9.09 -13.14
C LYS B 94 -33.62 -8.65 -13.26
N GLU B 95 -32.99 -8.30 -12.14
CA GLU B 95 -31.60 -7.86 -12.17
C GLU B 95 -30.67 -9.06 -12.30
N GLY B 96 -31.19 -10.25 -12.04
CA GLY B 96 -30.38 -11.44 -12.14
C GLY B 96 -30.02 -11.70 -13.60
N ALA B 97 -30.92 -11.29 -14.49
CA ALA B 97 -30.72 -11.47 -15.92
C ALA B 97 -30.21 -10.19 -16.55
N VAL B 98 -30.62 -9.04 -16.01
CA VAL B 98 -30.21 -7.74 -16.52
C VAL B 98 -28.73 -7.46 -16.24
N LEU B 99 -28.17 -8.18 -15.27
CA LEU B 99 -26.76 -8.03 -14.92
C LEU B 99 -26.10 -9.39 -14.90
N ALA B 100 -25.91 -9.94 -13.70
CA ALA B 100 -25.29 -11.24 -13.54
C ALA B 100 -25.46 -11.74 -12.12
N LYS B 101 -25.83 -13.02 -12.00
CA LYS B 101 -26.02 -13.66 -10.70
C LYS B 101 -24.81 -13.43 -9.81
N LYS B 102 -23.62 -13.54 -10.40
CA LYS B 102 -22.39 -13.33 -9.66
C LYS B 102 -21.51 -12.27 -10.30
N VAL B 103 -20.38 -12.01 -9.65
CA VAL B 103 -19.42 -11.01 -10.11
C VAL B 103 -18.48 -11.54 -11.19
N ASN B 104 -18.08 -10.65 -12.10
CA ASN B 104 -17.17 -11.00 -13.20
C ASN B 104 -16.22 -9.83 -13.48
N TRP B 105 -15.03 -9.88 -12.86
CA TRP B 105 -14.05 -8.82 -13.03
C TRP B 105 -13.15 -9.05 -14.24
N ILE B 106 -12.83 -7.98 -14.94
CA ILE B 106 -11.94 -8.07 -16.10
C ILE B 106 -10.80 -7.07 -15.90
N GLY B 107 -11.04 -5.81 -16.25
CA GLY B 107 -9.99 -4.81 -16.07
C GLY B 107 -9.68 -4.59 -14.60
N CYS B 108 -10.52 -5.16 -13.73
CA CYS B 108 -10.37 -5.02 -12.29
C CYS B 108 -10.03 -6.34 -11.59
N GLN B 109 -9.55 -7.30 -12.37
CA GLN B 109 -9.20 -8.62 -11.84
C GLN B 109 -7.94 -8.58 -10.98
N GLY B 110 -8.03 -9.07 -9.75
CA GLY B 110 -6.85 -9.08 -8.89
C GLY B 110 -5.99 -10.31 -9.17
N SER B 111 -4.70 -10.25 -8.82
CA SER B 111 -3.80 -11.38 -9.03
C SER B 111 -4.09 -12.42 -7.95
N GLU B 112 -4.87 -12.00 -6.98
CA GLU B 112 -5.29 -12.84 -5.86
C GLU B 112 -6.69 -12.38 -5.47
N PRO B 113 -7.52 -13.31 -4.97
CA PRO B 113 -8.91 -13.01 -4.56
C PRO B 113 -9.15 -11.75 -3.72
N HIS B 114 -8.21 -11.44 -2.82
CA HIS B 114 -8.36 -10.26 -1.96
C HIS B 114 -7.93 -8.94 -2.58
N PHE B 115 -7.28 -8.99 -3.74
CA PHE B 115 -6.82 -7.77 -4.42
C PHE B 115 -7.82 -7.23 -5.43
N ARG B 116 -7.76 -5.92 -5.65
CA ARG B 116 -8.62 -5.24 -6.61
C ARG B 116 -10.10 -5.62 -6.50
N GLY B 117 -10.72 -6.00 -7.61
CA GLY B 117 -12.11 -6.40 -7.55
C GLY B 117 -13.10 -5.25 -7.43
N PHE B 118 -14.07 -5.37 -6.52
CA PHE B 118 -15.09 -4.34 -6.35
C PHE B 118 -14.56 -2.90 -6.16
N PRO B 119 -13.63 -2.66 -5.20
CA PRO B 119 -13.12 -1.30 -4.99
C PRO B 119 -12.60 -0.67 -6.30
N CYS B 120 -11.96 -1.49 -7.14
CA CYS B 120 -11.43 -1.04 -8.43
C CYS B 120 -12.58 -0.67 -9.35
N SER B 121 -13.64 -1.49 -9.34
CA SER B 121 -14.78 -1.24 -10.20
C SER B 121 -15.56 -0.01 -9.75
N LEU B 122 -15.59 0.23 -8.43
CA LEU B 122 -16.32 1.38 -7.89
C LEU B 122 -15.67 2.68 -8.36
N TRP B 123 -14.35 2.74 -8.31
CA TRP B 123 -13.62 3.91 -8.78
C TRP B 123 -13.95 4.17 -10.26
N VAL B 124 -13.89 3.11 -11.07
CA VAL B 124 -14.18 3.25 -12.50
C VAL B 124 -15.58 3.81 -12.70
N LEU B 125 -16.52 3.30 -11.91
CA LEU B 125 -17.90 3.74 -11.99
C LEU B 125 -18.01 5.22 -11.61
N PHE B 126 -17.42 5.59 -10.48
CA PHE B 126 -17.45 6.98 -10.02
C PHE B 126 -16.91 7.94 -11.08
N HIS B 127 -15.74 7.63 -11.63
CA HIS B 127 -15.13 8.48 -12.66
C HIS B 127 -16.06 8.60 -13.87
N PHE B 128 -16.63 7.47 -14.29
CA PHE B 128 -17.54 7.46 -15.43
C PHE B 128 -18.76 8.33 -15.16
N LEU B 129 -19.25 8.33 -13.93
CA LEU B 129 -20.41 9.14 -13.58
C LEU B 129 -20.07 10.63 -13.69
N THR B 130 -18.87 11.01 -13.26
CA THR B 130 -18.47 12.41 -13.34
C THR B 130 -18.24 12.85 -14.79
N VAL B 131 -17.60 12.00 -15.58
CA VAL B 131 -17.33 12.34 -16.98
C VAL B 131 -18.62 12.40 -17.80
N GLN B 132 -19.54 11.48 -17.56
CA GLN B 132 -20.82 11.51 -18.30
C GLN B 132 -21.50 12.84 -18.01
N ALA B 133 -21.48 13.25 -16.75
CA ALA B 133 -22.09 14.51 -16.34
C ALA B 133 -21.41 15.72 -17.00
N ALA B 134 -20.08 15.68 -17.09
CA ALA B 134 -19.33 16.79 -17.67
C ALA B 134 -19.43 16.87 -19.19
N ARG B 135 -19.77 15.77 -19.84
CA ARG B 135 -19.89 15.76 -21.30
C ARG B 135 -21.32 16.04 -21.72
N GLN B 136 -21.95 17.01 -21.04
CA GLN B 136 -23.31 17.43 -21.33
C GLN B 136 -23.31 18.91 -21.74
N GLN B 142 -31.25 23.85 -14.62
CA GLN B 142 -32.05 22.62 -14.59
C GLN B 142 -31.15 21.41 -14.74
N GLU B 143 -30.66 21.21 -15.96
CA GLU B 143 -29.77 20.09 -16.23
C GLU B 143 -28.45 20.30 -15.49
N ALA B 144 -28.12 21.56 -15.27
CA ALA B 144 -26.89 21.94 -14.56
C ALA B 144 -27.00 21.54 -13.09
N ALA B 145 -28.24 21.55 -12.58
CA ALA B 145 -28.49 21.18 -11.20
C ALA B 145 -28.22 19.69 -10.99
N LYS B 146 -28.65 18.89 -11.95
CA LYS B 146 -28.45 17.45 -11.88
C LYS B 146 -26.97 17.08 -11.86
N ALA B 147 -26.19 17.80 -12.67
CA ALA B 147 -24.76 17.56 -12.79
C ALA B 147 -24.01 17.77 -11.47
N LYS B 148 -24.28 18.89 -10.79
CA LYS B 148 -23.60 19.17 -9.52
C LYS B 148 -24.13 18.31 -8.38
N GLU B 149 -24.86 17.26 -8.74
CA GLU B 149 -25.44 16.32 -7.80
C GLU B 149 -24.59 15.06 -7.75
N VAL B 150 -23.74 14.88 -8.75
CA VAL B 150 -22.92 13.69 -8.84
C VAL B 150 -21.94 13.50 -7.68
N LEU B 151 -20.99 14.41 -7.54
CA LEU B 151 -20.00 14.29 -6.47
C LEU B 151 -20.66 14.14 -5.09
N PRO B 152 -21.65 15.00 -4.76
CA PRO B 152 -22.30 14.85 -3.45
C PRO B 152 -22.94 13.47 -3.32
N ALA B 153 -23.60 13.01 -4.38
CA ALA B 153 -24.24 11.72 -4.36
C ALA B 153 -23.21 10.62 -4.11
N ILE B 154 -22.05 10.75 -4.76
CA ILE B 154 -20.99 9.77 -4.60
C ILE B 154 -20.50 9.81 -3.16
N ARG B 155 -20.29 11.02 -2.64
CA ARG B 155 -19.83 11.19 -1.26
C ARG B 155 -20.79 10.47 -0.31
N GLY B 156 -22.09 10.71 -0.50
CA GLY B 156 -23.09 10.10 0.34
C GLY B 156 -23.08 8.58 0.31
N TYR B 157 -22.93 8.02 -0.88
CA TYR B 157 -22.92 6.57 -1.03
C TYR B 157 -21.73 5.97 -0.28
N VAL B 158 -20.55 6.53 -0.53
CA VAL B 158 -19.36 6.04 0.13
C VAL B 158 -19.55 6.05 1.64
N HIS B 159 -20.07 7.15 2.15
CA HIS B 159 -20.27 7.28 3.59
C HIS B 159 -21.30 6.35 4.22
N TYR B 160 -22.44 6.14 3.56
CA TYR B 160 -23.46 5.27 4.13
C TYR B 160 -23.53 3.84 3.60
N PHE B 161 -22.74 3.51 2.58
CA PHE B 161 -22.80 2.16 2.02
C PHE B 161 -21.52 1.41 1.67
N PHE B 162 -20.43 2.11 1.35
CA PHE B 162 -19.19 1.44 0.97
C PHE B 162 -18.65 0.51 2.07
N GLY B 163 -18.32 -0.72 1.67
CA GLY B 163 -17.81 -1.74 2.57
C GLY B 163 -16.62 -1.39 3.46
N CYS B 164 -15.46 -1.05 2.87
CA CYS B 164 -14.31 -0.70 3.71
C CYS B 164 -14.41 0.71 4.27
N ARG B 165 -14.62 0.77 5.59
CA ARG B 165 -14.74 2.03 6.30
C ARG B 165 -13.43 2.78 6.19
N ASP B 166 -12.35 2.01 5.98
CA ASP B 166 -11.03 2.57 5.85
C ASP B 166 -11.01 3.41 4.58
N CYS B 167 -11.45 2.79 3.48
CA CYS B 167 -11.53 3.46 2.20
C CYS B 167 -12.46 4.66 2.26
N ALA B 168 -13.59 4.47 2.93
CA ALA B 168 -14.61 5.50 3.08
C ALA B 168 -14.09 6.68 3.88
N SER B 169 -13.39 6.39 4.96
CA SER B 169 -12.87 7.44 5.83
C SER B 169 -11.89 8.36 5.11
N HIS B 170 -11.03 7.77 4.27
CA HIS B 170 -10.05 8.57 3.55
C HIS B 170 -10.72 9.43 2.49
N PHE B 171 -11.76 8.90 1.85
CA PHE B 171 -12.47 9.64 0.83
C PHE B 171 -13.16 10.84 1.46
N GLU B 172 -13.77 10.64 2.63
CA GLU B 172 -14.47 11.70 3.32
C GLU B 172 -13.48 12.78 3.78
N GLN B 173 -12.27 12.35 4.13
CA GLN B 173 -11.23 13.29 4.56
C GLN B 173 -10.90 14.22 3.40
N MET B 174 -10.88 13.68 2.19
CA MET B 174 -10.60 14.50 1.02
C MET B 174 -11.83 15.35 0.70
N ALA B 175 -13.00 14.72 0.76
CA ALA B 175 -14.24 15.43 0.47
C ALA B 175 -14.45 16.63 1.38
N ALA B 176 -14.29 16.42 2.69
CA ALA B 176 -14.47 17.48 3.65
C ALA B 176 -13.51 18.63 3.42
N ALA B 177 -12.25 18.30 3.17
CA ALA B 177 -11.21 19.29 2.97
C ALA B 177 -11.38 20.20 1.76
N SER B 178 -11.94 19.69 0.67
CA SER B 178 -12.03 20.54 -0.52
C SER B 178 -13.15 20.32 -1.52
N MET B 179 -14.03 19.34 -1.32
CA MET B 179 -15.07 19.12 -2.32
C MET B 179 -15.98 20.33 -2.58
N HIS B 180 -16.12 21.18 -1.57
CA HIS B 180 -16.97 22.37 -1.68
C HIS B 180 -16.46 23.41 -2.68
N ARG B 181 -15.18 23.32 -3.03
CA ARG B 181 -14.60 24.28 -3.98
C ARG B 181 -14.89 23.91 -5.43
N VAL B 182 -15.47 22.72 -5.63
CA VAL B 182 -15.81 22.26 -6.98
C VAL B 182 -16.99 23.09 -7.49
N GLY B 183 -16.81 23.76 -8.63
CA GLY B 183 -17.88 24.61 -9.15
C GLY B 183 -18.34 24.35 -10.58
N SER B 184 -18.08 23.17 -11.10
CA SER B 184 -18.49 22.83 -12.46
C SER B 184 -18.29 21.36 -12.70
N PRO B 185 -19.02 20.79 -13.68
CA PRO B 185 -18.89 19.37 -13.99
C PRO B 185 -17.43 19.02 -14.32
N ASN B 186 -16.74 19.91 -15.04
CA ASN B 186 -15.36 19.64 -15.38
C ASN B 186 -14.49 19.64 -14.13
N ALA B 187 -14.72 20.61 -13.25
CA ALA B 187 -13.94 20.69 -12.02
C ALA B 187 -14.22 19.43 -11.20
N ALA B 188 -15.45 18.92 -11.30
CA ALA B 188 -15.85 17.70 -10.59
C ALA B 188 -15.05 16.51 -11.11
N VAL B 189 -14.83 16.46 -12.42
CA VAL B 189 -14.08 15.36 -13.01
C VAL B 189 -12.63 15.38 -12.51
N LEU B 190 -12.01 16.56 -12.56
CA LEU B 190 -10.64 16.72 -12.12
C LEU B 190 -10.49 16.49 -10.62
N TRP B 191 -11.51 16.88 -9.84
CA TRP B 191 -11.46 16.71 -8.39
C TRP B 191 -11.36 15.23 -8.00
N LEU B 192 -12.17 14.38 -8.65
CA LEU B 192 -12.19 12.95 -8.36
C LEU B 192 -10.89 12.31 -8.82
N TRP B 193 -10.39 12.79 -9.95
CA TRP B 193 -9.14 12.32 -10.52
C TRP B 193 -7.95 12.60 -9.59
N SER B 194 -7.79 13.86 -9.18
CA SER B 194 -6.67 14.18 -8.30
C SER B 194 -6.84 13.50 -6.94
N SER B 195 -8.08 13.35 -6.49
CA SER B 195 -8.33 12.69 -5.21
C SER B 195 -7.94 11.23 -5.30
N HIS B 196 -8.25 10.59 -6.42
CA HIS B 196 -7.92 9.19 -6.61
C HIS B 196 -6.39 9.05 -6.64
N ASN B 197 -5.68 10.00 -7.25
CA ASN B 197 -4.21 9.91 -7.26
C ASN B 197 -3.64 10.11 -5.85
N ARG B 198 -4.28 10.94 -5.04
CA ARG B 198 -3.80 11.15 -3.67
C ARG B 198 -3.90 9.82 -2.91
N VAL B 199 -4.95 9.06 -3.20
CA VAL B 199 -5.14 7.77 -2.57
C VAL B 199 -4.08 6.82 -3.12
N ASN B 200 -3.85 6.88 -4.43
CA ASN B 200 -2.84 6.03 -5.06
C ASN B 200 -1.47 6.25 -4.39
N ALA B 201 -1.16 7.51 -4.11
CA ALA B 201 0.11 7.87 -3.49
C ALA B 201 0.24 7.28 -2.08
N ARG B 202 -0.85 7.29 -1.31
CA ARG B 202 -0.84 6.74 0.04
C ARG B 202 -0.75 5.20 0.01
N LEU B 203 -1.29 4.58 -1.03
CA LEU B 203 -1.29 3.12 -1.13
C LEU B 203 -0.12 2.54 -1.92
N ALA B 204 0.63 3.39 -2.61
CA ALA B 204 1.76 2.93 -3.41
C ALA B 204 2.79 2.16 -2.57
N GLY B 205 3.12 0.96 -3.00
CA GLY B 205 4.11 0.17 -2.29
C GLY B 205 3.65 -0.39 -0.96
N ALA B 206 2.38 -0.19 -0.64
CA ALA B 206 1.86 -0.70 0.62
C ALA B 206 1.79 -2.22 0.56
N PRO B 207 1.89 -2.90 1.71
CA PRO B 207 1.84 -4.36 1.76
C PRO B 207 0.56 -4.95 1.16
N SER B 208 -0.49 -4.12 1.06
CA SER B 208 -1.77 -4.55 0.50
C SER B 208 -1.87 -4.28 -0.99
N GLU B 209 -0.79 -3.78 -1.58
CA GLU B 209 -0.77 -3.46 -3.00
C GLU B 209 -0.68 -4.75 -3.81
N ASP B 210 -1.58 -4.90 -4.78
CA ASP B 210 -1.53 -6.08 -5.64
C ASP B 210 -0.22 -5.96 -6.43
N PRO B 211 0.72 -6.89 -6.19
CA PRO B 211 2.03 -6.92 -6.85
C PRO B 211 2.00 -6.71 -8.36
N GLN B 212 1.01 -7.30 -9.01
CA GLN B 212 0.89 -7.19 -10.46
C GLN B 212 0.35 -5.83 -10.92
N PHE B 213 -0.11 -5.02 -9.99
CA PHE B 213 -0.68 -3.72 -10.34
C PHE B 213 -0.20 -2.59 -9.42
N PRO B 214 1.07 -2.21 -9.58
CA PRO B 214 1.71 -1.14 -8.78
C PRO B 214 0.97 0.19 -8.93
N LYS B 215 0.73 0.85 -7.81
CA LYS B 215 0.06 2.14 -7.82
C LYS B 215 0.93 3.22 -8.45
N VAL B 216 0.37 3.98 -9.38
CA VAL B 216 1.14 5.07 -9.99
C VAL B 216 0.29 6.33 -10.03
N GLN B 217 0.93 7.45 -10.34
CA GLN B 217 0.21 8.70 -10.47
C GLN B 217 -0.37 8.57 -11.88
N TRP B 218 -1.66 8.28 -11.94
CA TRP B 218 -2.40 8.01 -13.17
C TRP B 218 -2.97 9.25 -13.85
N PRO B 219 -2.99 9.28 -15.19
CA PRO B 219 -2.52 8.24 -16.12
C PRO B 219 -1.00 8.24 -16.30
N PRO B 220 -0.40 7.05 -16.40
CA PRO B 220 1.06 7.02 -16.58
C PRO B 220 1.43 7.61 -17.94
N ARG B 221 2.70 7.97 -18.09
CA ARG B 221 3.19 8.55 -19.33
C ARG B 221 2.96 7.67 -20.57
N GLU B 222 2.98 6.35 -20.41
CA GLU B 222 2.75 5.47 -21.55
C GLU B 222 1.31 5.56 -22.04
N LEU B 223 0.41 5.88 -21.12
CA LEU B 223 -1.01 5.97 -21.43
C LEU B 223 -1.40 7.34 -21.98
N CYS B 224 -0.84 8.39 -21.38
CA CYS B 224 -1.11 9.76 -21.82
C CYS B 224 0.12 10.63 -21.55
N SER B 225 0.95 10.83 -22.58
CA SER B 225 2.15 11.65 -22.39
C SER B 225 1.86 13.15 -22.44
N ALA B 226 0.84 13.53 -23.19
CA ALA B 226 0.51 14.95 -23.30
C ALA B 226 0.01 15.45 -21.95
N CYS B 227 -0.44 14.51 -21.10
CA CYS B 227 -0.93 14.84 -19.76
C CYS B 227 0.19 15.33 -18.84
N HIS B 228 1.44 14.97 -19.16
CA HIS B 228 2.59 15.32 -18.34
C HIS B 228 3.46 16.46 -18.86
N ASN B 229 3.92 17.31 -17.95
CA ASN B 229 4.83 18.40 -18.28
C ASN B 229 6.23 17.90 -17.95
N GLU B 230 7.26 18.67 -18.29
CA GLU B 230 8.62 18.26 -18.03
C GLU B 230 9.41 19.07 -17.00
N ARG B 231 9.28 20.39 -17.06
CA ARG B 231 10.00 21.27 -16.15
C ARG B 231 9.54 21.26 -14.70
N LEU B 232 10.44 21.63 -13.80
CA LEU B 232 10.16 21.69 -12.38
C LEU B 232 9.57 23.03 -11.96
N ASP B 233 9.39 23.92 -12.94
CA ASP B 233 8.84 25.24 -12.67
C ASP B 233 7.41 25.35 -13.17
N VAL B 234 6.79 24.18 -13.38
CA VAL B 234 5.41 24.09 -13.80
C VAL B 234 4.87 22.82 -13.16
N PRO B 235 3.56 22.76 -12.93
CA PRO B 235 2.99 21.57 -12.31
C PRO B 235 3.31 20.27 -13.06
N VAL B 236 3.27 19.17 -12.34
CA VAL B 236 3.53 17.88 -12.94
C VAL B 236 2.55 17.63 -14.08
N TRP B 237 1.28 17.93 -13.83
CA TRP B 237 0.24 17.70 -14.82
C TRP B 237 -0.20 18.89 -15.66
N ASP B 238 -0.63 18.59 -16.87
CA ASP B 238 -1.18 19.59 -17.78
C ASP B 238 -2.67 19.31 -17.64
N VAL B 239 -3.30 20.04 -16.72
CA VAL B 239 -4.72 19.92 -16.40
C VAL B 239 -5.65 19.88 -17.61
N GLU B 240 -5.41 20.75 -18.59
CA GLU B 240 -6.25 20.78 -19.77
C GLU B 240 -6.14 19.47 -20.55
N ALA B 241 -4.91 19.06 -20.86
CA ALA B 241 -4.69 17.83 -21.60
C ALA B 241 -5.29 16.64 -20.84
N THR B 242 -5.14 16.67 -19.51
CA THR B 242 -5.64 15.59 -18.67
C THR B 242 -7.17 15.52 -18.66
N LEU B 243 -7.82 16.68 -18.70
CA LEU B 243 -9.28 16.71 -18.72
C LEU B 243 -9.73 16.07 -20.04
N ASN B 244 -9.05 16.40 -21.14
CA ASN B 244 -9.41 15.83 -22.43
C ASN B 244 -9.20 14.32 -22.44
N PHE B 245 -8.10 13.88 -21.84
CA PHE B 245 -7.82 12.45 -21.77
C PHE B 245 -8.91 11.73 -20.99
N LEU B 246 -9.32 12.31 -19.86
CA LEU B 246 -10.33 11.70 -19.01
C LEU B 246 -11.67 11.60 -19.73
N LYS B 247 -12.07 12.66 -20.41
CA LYS B 247 -13.34 12.65 -21.14
C LYS B 247 -13.33 11.62 -22.26
N ALA B 248 -12.15 11.30 -22.76
CA ALA B 248 -12.03 10.31 -23.84
C ALA B 248 -11.90 8.88 -23.29
N HIS B 249 -11.20 8.74 -22.18
CA HIS B 249 -10.99 7.43 -21.57
C HIS B 249 -12.29 6.89 -20.94
N PHE B 250 -13.03 7.76 -20.27
CA PHE B 250 -14.29 7.38 -19.63
C PHE B 250 -15.46 7.79 -20.50
N SER B 251 -15.49 7.22 -21.69
CA SER B 251 -16.53 7.51 -22.67
C SER B 251 -17.12 6.20 -23.18
N PRO B 252 -18.42 6.20 -23.51
CA PRO B 252 -19.04 4.96 -23.99
C PRO B 252 -18.23 4.34 -25.13
N SER B 253 -17.69 5.17 -26.00
CA SER B 253 -16.92 4.68 -27.13
C SER B 253 -15.65 3.95 -26.71
N ASN B 254 -15.25 4.08 -25.45
CA ASN B 254 -14.05 3.41 -24.97
C ASN B 254 -14.34 2.18 -24.10
N ILE B 255 -15.60 1.73 -24.09
CA ILE B 255 -15.99 0.57 -23.29
C ILE B 255 -16.03 -0.69 -24.16
N ILE B 256 -15.44 -1.77 -23.67
CA ILE B 256 -15.46 -3.03 -24.41
C ILE B 256 -16.65 -3.85 -23.96
N LEU B 257 -17.58 -4.09 -24.87
CA LEU B 257 -18.79 -4.87 -24.58
C LEU B 257 -18.50 -6.35 -24.85
N ALA C 9 -13.14 -30.77 -2.38
CA ALA C 9 -12.54 -30.59 -1.03
C ALA C 9 -13.36 -31.34 0.01
N ASP C 10 -12.66 -32.14 0.82
CA ASP C 10 -13.30 -32.94 1.85
C ASP C 10 -13.72 -32.09 3.06
N ARG C 11 -15.02 -32.00 3.29
CA ARG C 11 -15.57 -31.22 4.39
C ARG C 11 -15.14 -31.75 5.77
N SER C 12 -14.74 -33.01 5.84
CA SER C 12 -14.33 -33.59 7.12
C SER C 12 -12.84 -33.42 7.41
N LYS C 13 -12.10 -32.92 6.43
CA LYS C 13 -10.67 -32.75 6.61
C LYS C 13 -10.21 -31.30 6.57
N ILE C 14 -8.99 -31.09 7.04
CA ILE C 14 -8.38 -29.78 7.05
C ILE C 14 -7.18 -29.85 6.09
N TYR C 15 -6.99 -28.79 5.31
CA TYR C 15 -5.89 -28.72 4.36
C TYR C 15 -4.79 -27.81 4.86
N MET C 16 -3.56 -28.31 4.84
CA MET C 16 -2.41 -27.55 5.29
C MET C 16 -2.30 -26.27 4.46
N ALA C 17 -2.83 -26.29 3.25
CA ALA C 17 -2.79 -25.12 2.38
C ALA C 17 -3.54 -23.96 3.02
N ASP C 18 -4.76 -24.23 3.50
CA ASP C 18 -5.56 -23.20 4.13
C ASP C 18 -4.86 -22.64 5.35
N LEU C 19 -4.29 -23.53 6.16
CA LEU C 19 -3.58 -23.12 7.37
C LEU C 19 -2.35 -22.27 7.08
N GLU C 20 -1.54 -22.68 6.11
CA GLU C 20 -0.35 -21.90 5.77
C GLU C 20 -0.72 -20.58 5.09
N SER C 21 -1.79 -20.59 4.28
CA SER C 21 -2.19 -19.35 3.62
C SER C 21 -2.67 -18.36 4.66
N ALA C 22 -3.33 -18.87 5.70
CA ALA C 22 -3.81 -18.01 6.77
C ALA C 22 -2.59 -17.31 7.37
N LEU C 23 -1.56 -18.08 7.69
CA LEU C 23 -0.33 -17.51 8.28
C LEU C 23 0.30 -16.48 7.36
N HIS C 24 0.29 -16.78 6.07
CA HIS C 24 0.87 -15.87 5.08
C HIS C 24 0.11 -14.55 5.08
N TYR C 25 -1.21 -14.66 5.00
CA TYR C 25 -2.09 -13.49 4.97
C TYR C 25 -1.95 -12.62 6.22
N ILE C 26 -1.86 -13.28 7.37
CA ILE C 26 -1.70 -12.57 8.63
C ILE C 26 -0.39 -11.76 8.67
N LEU C 27 0.71 -12.42 8.36
CA LEU C 27 2.02 -11.78 8.40
C LEU C 27 2.28 -10.73 7.32
N ARG C 28 1.77 -10.97 6.12
CA ARG C 28 1.99 -10.06 4.99
C ARG C 28 0.89 -9.04 4.74
N ILE C 29 -0.35 -9.40 5.01
CA ILE C 29 -1.47 -8.49 4.76
C ILE C 29 -2.03 -7.79 5.98
N GLU C 30 -2.61 -8.54 6.91
CA GLU C 30 -3.21 -7.94 8.11
C GLU C 30 -2.23 -7.17 8.98
N VAL C 31 -1.13 -7.80 9.39
CA VAL C 31 -0.14 -7.12 10.20
C VAL C 31 0.47 -5.98 9.39
N GLY C 32 0.51 -6.14 8.07
CA GLY C 32 1.07 -5.12 7.20
C GLY C 32 0.16 -3.94 6.94
N ARG C 33 -1.02 -3.94 7.56
CA ARG C 33 -1.95 -2.84 7.39
C ARG C 33 -1.55 -1.66 8.29
N PHE C 34 -0.58 -1.89 9.16
CA PHE C 34 -0.13 -0.85 10.08
C PHE C 34 1.34 -0.46 9.90
N PRO C 35 1.59 0.78 9.44
CA PRO C 35 2.95 1.31 9.22
C PRO C 35 3.86 1.09 10.41
N VAL C 36 3.31 1.24 11.61
CA VAL C 36 4.10 1.05 12.83
C VAL C 36 3.33 0.19 13.83
N LEU C 37 4.02 -0.79 14.39
CA LEU C 37 3.44 -1.70 15.38
C LEU C 37 3.87 -1.18 16.75
N GLU C 38 2.90 -0.76 17.55
CA GLU C 38 3.22 -0.22 18.87
C GLU C 38 2.08 -0.41 19.88
N GLY C 39 2.35 -0.05 21.12
CA GLY C 39 1.36 -0.17 22.17
C GLY C 39 0.71 -1.53 22.25
N GLN C 40 -0.60 -1.52 22.44
CA GLN C 40 -1.36 -2.76 22.55
C GLN C 40 -1.33 -3.64 21.32
N ARG C 41 -1.38 -3.02 20.14
CA ARG C 41 -1.34 -3.78 18.91
C ARG C 41 -0.08 -4.65 18.86
N LEU C 42 1.04 -4.10 19.33
CA LEU C 42 2.31 -4.83 19.33
C LEU C 42 2.32 -5.93 20.37
N VAL C 43 1.76 -5.64 21.55
CA VAL C 43 1.71 -6.64 22.60
C VAL C 43 0.82 -7.81 22.12
N ALA C 44 -0.28 -7.47 21.47
CA ALA C 44 -1.20 -8.47 20.95
C ALA C 44 -0.46 -9.33 19.93
N LEU C 45 0.29 -8.67 19.06
CA LEU C 45 1.06 -9.36 18.03
C LEU C 45 2.03 -10.34 18.66
N LYS C 46 2.77 -9.90 19.67
CA LYS C 46 3.73 -10.78 20.33
C LYS C 46 3.02 -11.98 20.97
N LYS C 47 1.93 -11.71 21.68
CA LYS C 47 1.15 -12.76 22.32
C LYS C 47 0.72 -13.80 21.29
N PHE C 48 0.11 -13.33 20.21
CA PHE C 48 -0.39 -14.21 19.15
C PHE C 48 0.73 -15.05 18.52
N VAL C 49 1.84 -14.41 18.14
CA VAL C 49 2.95 -15.15 17.53
C VAL C 49 3.50 -16.20 18.50
N ALA C 50 3.55 -15.89 19.80
CA ALA C 50 4.03 -16.87 20.78
C ALA C 50 3.11 -18.10 20.76
N VAL C 51 1.82 -17.86 20.65
CA VAL C 51 0.85 -18.94 20.60
C VAL C 51 1.07 -19.76 19.32
N LEU C 52 1.30 -19.09 18.20
CA LEU C 52 1.55 -19.77 16.93
C LEU C 52 2.75 -20.70 17.02
N ALA C 53 3.87 -20.17 17.50
CA ALA C 53 5.10 -20.94 17.61
C ALA C 53 4.95 -22.20 18.44
N LYS C 54 4.10 -22.13 19.45
CA LYS C 54 3.89 -23.27 20.32
C LYS C 54 2.76 -24.21 19.91
N TYR C 55 1.68 -23.67 19.36
CA TYR C 55 0.54 -24.51 19.00
C TYR C 55 0.18 -24.72 17.53
N PHE C 56 0.69 -23.89 16.64
CA PHE C 56 0.37 -24.08 15.24
C PHE C 56 0.83 -25.49 14.85
N PRO C 57 0.02 -26.23 14.09
CA PRO C 57 0.33 -27.60 13.65
C PRO C 57 1.18 -27.65 12.38
N GLY C 58 2.28 -26.89 12.37
CA GLY C 58 3.11 -26.86 11.18
C GLY C 58 4.12 -27.97 10.99
N ARG C 59 4.49 -28.20 9.73
CA ARG C 59 5.48 -29.21 9.45
C ARG C 59 6.75 -28.59 10.02
N PRO C 60 7.81 -29.40 10.25
CA PRO C 60 9.07 -28.91 10.82
C PRO C 60 9.58 -27.56 10.31
N LEU C 61 9.65 -27.40 9.00
CA LEU C 61 10.15 -26.15 8.43
C LEU C 61 9.32 -24.94 8.89
N VAL C 62 8.00 -25.07 8.86
CA VAL C 62 7.10 -23.98 9.25
C VAL C 62 7.25 -23.67 10.73
N GLN C 63 7.31 -24.71 11.55
CA GLN C 63 7.46 -24.55 12.99
C GLN C 63 8.79 -23.86 13.31
N ASN C 64 9.85 -24.26 12.62
CA ASN C 64 11.16 -23.64 12.84
C ASN C 64 11.07 -22.16 12.47
N PHE C 65 10.36 -21.86 11.39
CA PHE C 65 10.17 -20.49 10.93
C PHE C 65 9.46 -19.66 12.01
N LEU C 66 8.33 -20.17 12.51
CA LEU C 66 7.56 -19.48 13.55
C LEU C 66 8.39 -19.23 14.79
N HIS C 67 9.16 -20.24 15.19
CA HIS C 67 10.03 -20.10 16.36
C HIS C 67 11.03 -18.97 16.13
N SER C 68 11.58 -18.91 14.93
CA SER C 68 12.55 -17.87 14.61
C SER C 68 11.90 -16.48 14.64
N VAL C 69 10.69 -16.38 14.10
CA VAL C 69 9.99 -15.10 14.09
C VAL C 69 9.66 -14.70 15.52
N ASN C 70 9.27 -15.69 16.33
CA ASN C 70 8.92 -15.43 17.72
C ASN C 70 10.12 -14.92 18.50
N GLU C 71 11.27 -15.58 18.32
CA GLU C 71 12.47 -15.15 19.02
C GLU C 71 12.89 -13.75 18.57
N TRP C 72 12.67 -13.42 17.30
CA TRP C 72 13.03 -12.10 16.79
C TRP C 72 12.23 -11.03 17.53
N LEU C 73 10.92 -11.23 17.59
CA LEU C 73 10.01 -10.32 18.28
C LEU C 73 10.41 -10.19 19.75
N LYS C 74 10.64 -11.32 20.40
CA LYS C 74 11.02 -11.33 21.81
C LYS C 74 12.32 -10.58 22.06
N ARG C 75 13.15 -10.46 21.02
CA ARG C 75 14.44 -9.77 21.14
C ARG C 75 14.32 -8.26 20.99
N GLN C 76 13.31 -7.81 20.24
CA GLN C 76 13.13 -6.39 20.03
C GLN C 76 12.76 -5.68 21.32
N LYS C 77 13.60 -4.72 21.71
CA LYS C 77 13.38 -3.97 22.94
C LYS C 77 12.63 -2.67 22.67
N ARG C 78 12.91 -2.05 21.54
CA ARG C 78 12.26 -0.80 21.17
C ARG C 78 10.74 -0.86 21.28
N ASN C 79 10.18 0.19 21.87
CA ASN C 79 8.76 0.33 22.08
C ASN C 79 7.97 0.20 20.77
N LYS C 80 8.55 0.70 19.69
CA LYS C 80 7.89 0.66 18.39
C LYS C 80 8.66 -0.17 17.37
N ILE C 81 7.91 -0.79 16.45
CA ILE C 81 8.53 -1.61 15.41
C ILE C 81 7.89 -1.27 14.07
N PRO C 82 8.60 -0.50 13.22
CA PRO C 82 8.00 -0.18 11.93
C PRO C 82 7.78 -1.49 11.19
N TYR C 83 6.68 -1.59 10.45
CA TYR C 83 6.40 -2.83 9.72
C TYR C 83 7.50 -3.21 8.75
N SER C 84 8.14 -2.21 8.14
CA SER C 84 9.21 -2.51 7.18
C SER C 84 10.32 -3.32 7.84
N PHE C 85 10.50 -3.09 9.14
CA PHE C 85 11.52 -3.79 9.91
C PHE C 85 11.06 -5.24 10.14
N PHE C 86 9.76 -5.42 10.32
CA PHE C 86 9.17 -6.75 10.52
C PHE C 86 9.18 -7.48 9.19
N LYS C 87 8.95 -6.74 8.11
CA LYS C 87 8.95 -7.33 6.78
C LYS C 87 10.32 -7.92 6.46
N THR C 88 11.37 -7.22 6.88
CA THR C 88 12.73 -7.66 6.65
C THR C 88 13.00 -8.96 7.42
N ALA C 89 12.52 -9.02 8.66
CA ALA C 89 12.69 -10.21 9.47
C ALA C 89 12.03 -11.39 8.77
N LEU C 90 10.87 -11.16 8.16
CA LEU C 90 10.14 -12.20 7.44
C LEU C 90 10.92 -12.64 6.21
N ASP C 91 11.44 -11.67 5.48
CA ASP C 91 12.20 -11.94 4.27
C ASP C 91 13.48 -12.72 4.60
N ASP C 92 14.21 -12.27 5.62
CA ASP C 92 15.44 -12.96 5.99
C ASP C 92 15.17 -14.43 6.25
N ARG C 93 14.03 -14.72 6.85
CA ARG C 93 13.66 -16.09 7.18
C ARG C 93 12.88 -16.77 6.07
N LYS C 94 12.94 -16.16 4.89
CA LYS C 94 12.31 -16.66 3.68
C LYS C 94 10.91 -17.26 3.87
N GLU C 95 9.99 -16.45 4.38
CA GLU C 95 8.63 -16.93 4.59
C GLU C 95 8.00 -17.23 3.24
N GLY C 96 8.50 -16.59 2.19
CA GLY C 96 7.98 -16.81 0.85
C GLY C 96 8.22 -18.24 0.42
N ALA C 97 9.38 -18.78 0.77
CA ALA C 97 9.71 -20.16 0.43
C ALA C 97 9.10 -21.13 1.46
N VAL C 98 9.11 -20.71 2.72
CA VAL C 98 8.57 -21.55 3.79
C VAL C 98 7.08 -21.78 3.61
N LEU C 99 6.36 -20.74 3.24
CA LEU C 99 4.92 -20.84 3.00
C LEU C 99 4.72 -20.71 1.50
N ALA C 100 4.25 -19.55 1.05
CA ALA C 100 4.04 -19.33 -0.37
C ALA C 100 3.85 -17.84 -0.61
N LYS C 101 4.24 -17.37 -1.79
CA LYS C 101 4.13 -15.97 -2.11
C LYS C 101 2.67 -15.55 -2.23
N LYS C 102 1.80 -16.51 -2.55
CA LYS C 102 0.38 -16.20 -2.64
C LYS C 102 -0.52 -17.20 -1.93
N VAL C 103 -1.71 -16.72 -1.59
CA VAL C 103 -2.70 -17.50 -0.92
C VAL C 103 -3.20 -18.65 -1.82
N ASN C 104 -3.58 -19.77 -1.20
CA ASN C 104 -4.09 -20.94 -1.92
C ASN C 104 -5.19 -21.62 -1.11
N TRP C 105 -6.40 -21.11 -1.21
CA TRP C 105 -7.52 -21.67 -0.45
C TRP C 105 -8.01 -22.97 -1.08
N ILE C 106 -8.33 -23.94 -0.24
CA ILE C 106 -8.84 -25.23 -0.71
C ILE C 106 -10.13 -25.54 0.07
N GLY C 107 -9.98 -25.87 1.35
CA GLY C 107 -11.16 -26.14 2.15
C GLY C 107 -11.88 -24.84 2.40
N CYS C 108 -11.21 -23.74 2.09
CA CYS C 108 -11.78 -22.41 2.29
C CYS C 108 -12.10 -21.61 1.02
N GLN C 109 -12.14 -22.29 -0.12
CA GLN C 109 -12.46 -21.62 -1.40
C GLN C 109 -13.88 -21.06 -1.41
N GLY C 110 -14.04 -19.86 -1.97
CA GLY C 110 -15.36 -19.25 -2.04
C GLY C 110 -15.86 -19.28 -3.48
N SER C 111 -17.17 -19.48 -3.67
CA SER C 111 -17.75 -19.53 -5.01
C SER C 111 -17.50 -18.24 -5.77
N GLU C 112 -16.98 -17.24 -5.07
CA GLU C 112 -16.65 -15.94 -5.64
C GLU C 112 -15.52 -15.34 -4.84
N PRO C 113 -14.74 -14.43 -5.44
CA PRO C 113 -13.62 -13.80 -4.74
C PRO C 113 -13.93 -13.27 -3.35
N HIS C 114 -14.96 -12.43 -3.25
CA HIS C 114 -15.34 -11.85 -1.98
C HIS C 114 -15.94 -12.83 -0.97
N PHE C 115 -16.02 -14.11 -1.34
CA PHE C 115 -16.59 -15.14 -0.46
C PHE C 115 -15.56 -16.00 0.26
N ARG C 116 -15.84 -16.30 1.53
CA ARG C 116 -14.96 -17.14 2.36
C ARG C 116 -13.51 -16.66 2.29
N GLY C 117 -12.58 -17.53 1.91
CA GLY C 117 -11.19 -17.12 1.85
C GLY C 117 -10.56 -16.97 3.21
N PHE C 118 -9.79 -15.92 3.41
CA PHE C 118 -9.10 -15.70 4.68
C PHE C 118 -9.93 -15.85 5.96
N PRO C 119 -11.12 -15.24 6.01
CA PRO C 119 -11.97 -15.35 7.22
C PRO C 119 -12.19 -16.79 7.61
N CYS C 120 -12.42 -17.62 6.60
CA CYS C 120 -12.63 -19.05 6.78
C CYS C 120 -11.40 -19.69 7.41
N SER C 121 -10.23 -19.40 6.83
CA SER C 121 -8.97 -19.95 7.34
C SER C 121 -8.62 -19.46 8.73
N LEU C 122 -9.04 -18.25 9.08
CA LEU C 122 -8.75 -17.70 10.39
C LEU C 122 -9.49 -18.50 11.47
N TRP C 123 -10.75 -18.84 11.20
CA TRP C 123 -11.54 -19.63 12.13
C TRP C 123 -10.87 -20.98 12.33
N VAL C 124 -10.56 -21.66 11.23
CA VAL C 124 -9.91 -22.97 11.31
C VAL C 124 -8.64 -22.88 12.14
N LEU C 125 -7.81 -21.88 11.85
CA LEU C 125 -6.58 -21.69 12.61
C LEU C 125 -6.90 -21.51 14.10
N PHE C 126 -7.82 -20.61 14.42
CA PHE C 126 -8.18 -20.38 15.82
C PHE C 126 -8.61 -21.67 16.53
N HIS C 127 -9.54 -22.41 15.95
CA HIS C 127 -9.98 -23.66 16.56
C HIS C 127 -8.80 -24.63 16.73
N PHE C 128 -7.96 -24.73 15.70
CA PHE C 128 -6.84 -25.64 15.79
C PHE C 128 -5.95 -25.30 16.98
N LEU C 129 -5.73 -24.01 17.20
CA LEU C 129 -4.90 -23.57 18.31
C LEU C 129 -5.49 -23.96 19.67
N THR C 130 -6.80 -23.82 19.83
CA THR C 130 -7.42 -24.18 21.11
C THR C 130 -7.26 -25.67 21.36
N VAL C 131 -7.53 -26.48 20.34
CA VAL C 131 -7.42 -27.93 20.47
C VAL C 131 -5.99 -28.36 20.73
N GLN C 132 -5.02 -27.74 20.07
CA GLN C 132 -3.63 -28.09 20.30
C GLN C 132 -3.27 -27.85 21.76
N ALA C 133 -3.79 -26.76 22.32
CA ALA C 133 -3.51 -26.42 23.72
C ALA C 133 -4.29 -27.27 24.72
N ALA C 134 -5.31 -27.97 24.24
CA ALA C 134 -6.13 -28.80 25.13
C ALA C 134 -5.62 -30.23 25.26
N ARG C 135 -4.38 -30.46 24.85
CA ARG C 135 -3.79 -31.79 24.94
C ARG C 135 -2.33 -31.70 25.35
N GLN C 136 -1.76 -30.51 25.21
CA GLN C 136 -0.36 -30.27 25.55
C GLN C 136 -0.08 -30.65 27.00
N LYS C 146 0.47 -20.40 29.41
CA LYS C 146 0.77 -21.23 28.25
C LYS C 146 -0.51 -21.55 27.46
N ALA C 147 -1.21 -22.60 27.89
CA ALA C 147 -2.44 -23.02 27.22
C ALA C 147 -3.58 -22.06 27.51
N LYS C 148 -3.55 -21.43 28.69
CA LYS C 148 -4.58 -20.48 29.07
C LYS C 148 -4.39 -19.13 28.40
N GLU C 149 -3.38 -19.03 27.54
CA GLU C 149 -3.10 -17.79 26.83
C GLU C 149 -3.66 -17.84 25.41
N VAL C 150 -4.21 -18.97 25.02
CA VAL C 150 -4.75 -19.10 23.68
C VAL C 150 -5.94 -18.20 23.39
N LEU C 151 -7.01 -18.33 24.17
CA LEU C 151 -8.19 -17.50 23.94
C LEU C 151 -7.87 -16.00 24.02
N PRO C 152 -7.18 -15.57 25.09
CA PRO C 152 -6.88 -14.13 25.15
C PRO C 152 -6.06 -13.64 23.96
N ALA C 153 -5.12 -14.47 23.51
CA ALA C 153 -4.29 -14.12 22.37
C ALA C 153 -5.14 -13.99 21.12
N ILE C 154 -6.11 -14.88 20.95
CA ILE C 154 -6.97 -14.80 19.78
C ILE C 154 -7.83 -13.54 19.84
N ARG C 155 -8.34 -13.24 21.03
CA ARG C 155 -9.19 -12.06 21.20
C ARG C 155 -8.40 -10.82 20.81
N GLY C 156 -7.13 -10.80 21.21
CA GLY C 156 -6.28 -9.66 20.91
C GLY C 156 -6.04 -9.47 19.42
N TYR C 157 -5.83 -10.56 18.69
CA TYR C 157 -5.59 -10.47 17.25
C TYR C 157 -6.82 -9.93 16.53
N VAL C 158 -8.00 -10.44 16.89
CA VAL C 158 -9.23 -9.98 16.28
C VAL C 158 -9.40 -8.47 16.48
N HIS C 159 -9.17 -8.02 17.71
CA HIS C 159 -9.32 -6.62 18.04
C HIS C 159 -8.35 -5.68 17.33
N TYR C 160 -7.08 -6.05 17.30
CA TYR C 160 -6.06 -5.21 16.69
C TYR C 160 -5.68 -5.45 15.24
N PHE C 161 -5.88 -6.67 14.73
CA PHE C 161 -5.49 -6.95 13.35
C PHE C 161 -6.55 -7.40 12.35
N PHE C 162 -7.58 -8.11 12.80
CA PHE C 162 -8.58 -8.59 11.85
C PHE C 162 -9.25 -7.50 11.03
N GLY C 163 -9.04 -7.57 9.72
CA GLY C 163 -9.59 -6.59 8.79
C GLY C 163 -11.08 -6.31 8.80
N CYS C 164 -11.90 -7.28 9.18
CA CYS C 164 -13.34 -7.04 9.20
C CYS C 164 -13.81 -6.57 10.57
N ARG C 165 -14.12 -5.28 10.67
CA ARG C 165 -14.55 -4.69 11.94
C ARG C 165 -15.88 -5.17 12.49
N ASP C 166 -16.84 -5.49 11.63
CA ASP C 166 -18.12 -6.00 12.11
C ASP C 166 -17.81 -7.29 12.85
N CYS C 167 -16.94 -8.08 12.22
CA CYS C 167 -16.51 -9.35 12.76
C CYS C 167 -15.88 -9.16 14.13
N ALA C 168 -14.94 -8.23 14.22
CA ALA C 168 -14.24 -7.94 15.46
C ALA C 168 -15.22 -7.50 16.54
N SER C 169 -16.15 -6.64 16.15
CA SER C 169 -17.15 -6.11 17.05
C SER C 169 -18.03 -7.22 17.65
N HIS C 170 -18.49 -8.14 16.81
CA HIS C 170 -19.33 -9.23 17.29
C HIS C 170 -18.55 -10.20 18.14
N PHE C 171 -17.31 -10.50 17.75
CA PHE C 171 -16.51 -11.42 18.52
C PHE C 171 -16.25 -10.83 19.91
N GLU C 172 -15.91 -9.54 19.94
CA GLU C 172 -15.63 -8.86 21.20
C GLU C 172 -16.87 -8.89 22.12
N GLN C 173 -18.04 -8.69 21.53
CA GLN C 173 -19.28 -8.73 22.30
C GLN C 173 -19.41 -10.05 23.07
N MET C 174 -19.04 -11.15 22.43
CA MET C 174 -19.12 -12.46 23.07
C MET C 174 -18.00 -12.66 24.07
N ALA C 175 -16.80 -12.18 23.73
CA ALA C 175 -15.66 -12.35 24.62
C ALA C 175 -15.88 -11.66 25.97
N ALA C 176 -16.31 -10.41 25.92
CA ALA C 176 -16.55 -9.63 27.13
C ALA C 176 -17.65 -10.25 27.96
N ALA C 177 -18.64 -10.81 27.28
CA ALA C 177 -19.77 -11.43 27.95
C ALA C 177 -19.44 -12.73 28.71
N SER C 178 -18.55 -13.56 28.19
CA SER C 178 -18.29 -14.83 28.89
C SER C 178 -16.92 -15.48 28.78
N MET C 179 -15.99 -14.89 28.04
CA MET C 179 -14.68 -15.52 27.92
C MET C 179 -14.03 -15.71 29.28
N HIS C 180 -14.28 -14.78 30.20
CA HIS C 180 -13.68 -14.85 31.52
C HIS C 180 -14.13 -16.06 32.34
N ARG C 181 -15.19 -16.72 31.93
CA ARG C 181 -15.70 -17.90 32.64
C ARG C 181 -14.94 -19.18 32.27
N VAL C 182 -14.28 -19.15 31.11
CA VAL C 182 -13.53 -20.30 30.65
C VAL C 182 -12.49 -20.67 31.70
N GLY C 183 -12.51 -21.93 32.14
CA GLY C 183 -11.57 -22.35 33.17
C GLY C 183 -10.68 -23.53 32.86
N SER C 184 -10.61 -23.93 31.60
CA SER C 184 -9.75 -25.05 31.24
C SER C 184 -9.57 -25.11 29.73
N PRO C 185 -8.45 -25.70 29.27
CA PRO C 185 -8.23 -25.80 27.83
C PRO C 185 -9.42 -26.42 27.12
N ASN C 186 -10.03 -27.42 27.76
CA ASN C 186 -11.20 -28.10 27.19
C ASN C 186 -12.38 -27.13 27.05
N ALA C 187 -12.58 -26.31 28.07
CA ALA C 187 -13.65 -25.32 28.08
C ALA C 187 -13.40 -24.27 26.99
N ALA C 188 -12.14 -23.91 26.79
CA ALA C 188 -11.76 -22.94 25.78
C ALA C 188 -12.15 -23.49 24.40
N VAL C 189 -11.88 -24.77 24.19
CA VAL C 189 -12.23 -25.40 22.92
C VAL C 189 -13.72 -25.29 22.67
N LEU C 190 -14.52 -25.56 23.70
CA LEU C 190 -15.97 -25.51 23.58
C LEU C 190 -16.45 -24.07 23.46
N TRP C 191 -15.79 -23.16 24.17
CA TRP C 191 -16.18 -21.76 24.10
C TRP C 191 -16.11 -21.21 22.66
N LEU C 192 -14.98 -21.45 21.99
CA LEU C 192 -14.81 -20.95 20.61
C LEU C 192 -15.77 -21.65 19.65
N TRP C 193 -16.01 -22.94 19.89
CA TRP C 193 -16.91 -23.70 19.03
C TRP C 193 -18.33 -23.13 19.14
N SER C 194 -18.81 -22.93 20.36
CA SER C 194 -20.15 -22.36 20.55
C SER C 194 -20.22 -20.91 20.10
N SER C 195 -19.15 -20.14 20.33
CA SER C 195 -19.15 -18.74 19.91
C SER C 195 -19.21 -18.70 18.38
N HIS C 196 -18.51 -19.62 17.73
CA HIS C 196 -18.52 -19.65 16.28
C HIS C 196 -19.93 -20.01 15.79
N ASN C 197 -20.62 -20.90 16.48
CA ASN C 197 -21.97 -21.22 16.04
C ASN C 197 -22.91 -20.03 16.25
N ARG C 198 -22.61 -19.21 17.25
CA ARG C 198 -23.45 -18.04 17.49
C ARG C 198 -23.33 -17.06 16.31
N VAL C 199 -22.11 -16.97 15.78
CA VAL C 199 -21.85 -16.11 14.63
C VAL C 199 -22.52 -16.74 13.43
N ASN C 200 -22.37 -18.05 13.27
CA ASN C 200 -23.01 -18.75 12.15
C ASN C 200 -24.50 -18.41 12.11
N ALA C 201 -25.15 -18.50 13.26
CA ALA C 201 -26.57 -18.21 13.35
C ALA C 201 -26.89 -16.77 12.95
N ARG C 202 -26.08 -15.83 13.43
CA ARG C 202 -26.34 -14.44 13.10
C ARG C 202 -26.10 -14.08 11.64
N LEU C 203 -25.26 -14.85 10.95
CA LEU C 203 -24.97 -14.55 9.55
C LEU C 203 -25.74 -15.40 8.55
N ALA C 204 -26.41 -16.44 9.04
CA ALA C 204 -27.17 -17.31 8.16
C ALA C 204 -28.11 -16.53 7.24
N GLY C 205 -28.03 -16.83 5.95
CA GLY C 205 -28.90 -16.18 4.98
C GLY C 205 -28.65 -14.71 4.71
N ALA C 206 -27.60 -14.15 5.29
CA ALA C 206 -27.28 -12.74 5.06
C ALA C 206 -26.89 -12.54 3.61
N PRO C 207 -27.38 -11.47 2.97
CA PRO C 207 -27.06 -11.18 1.57
C PRO C 207 -25.58 -11.41 1.25
N SER C 208 -24.75 -11.23 2.27
CA SER C 208 -23.30 -11.41 2.12
C SER C 208 -22.81 -12.85 2.28
N GLU C 209 -23.74 -13.78 2.45
CA GLU C 209 -23.40 -15.20 2.61
C GLU C 209 -23.09 -15.85 1.27
N ASP C 210 -22.15 -16.80 1.28
CA ASP C 210 -21.78 -17.52 0.06
C ASP C 210 -22.87 -18.56 -0.20
N PRO C 211 -23.69 -18.33 -1.23
CA PRO C 211 -24.79 -19.20 -1.63
C PRO C 211 -24.46 -20.69 -1.63
N GLN C 212 -23.23 -21.01 -2.00
CA GLN C 212 -22.84 -22.42 -2.06
C GLN C 212 -22.39 -22.96 -0.69
N PHE C 213 -22.42 -22.12 0.34
CA PHE C 213 -22.03 -22.53 1.68
C PHE C 213 -22.87 -21.93 2.81
N PRO C 214 -24.15 -22.34 2.91
CA PRO C 214 -25.07 -21.86 3.94
C PRO C 214 -24.53 -22.07 5.36
N LYS C 215 -24.76 -21.09 6.23
CA LYS C 215 -24.31 -21.16 7.61
C LYS C 215 -25.19 -22.10 8.44
N VAL C 216 -24.58 -23.12 9.03
CA VAL C 216 -25.34 -24.08 9.83
C VAL C 216 -24.74 -24.27 11.21
N GLN C 217 -25.54 -24.79 12.14
CA GLN C 217 -25.04 -25.06 13.47
C GLN C 217 -24.13 -26.27 13.26
N TRP C 218 -22.83 -26.02 13.35
CA TRP C 218 -21.78 -26.99 13.09
C TRP C 218 -21.21 -27.69 14.33
N PRO C 219 -20.86 -28.98 14.18
CA PRO C 219 -20.97 -29.76 12.94
C PRO C 219 -22.36 -30.38 12.75
N PRO C 220 -22.83 -30.43 11.51
CA PRO C 220 -24.15 -31.01 11.25
C PRO C 220 -24.13 -32.52 11.54
N ARG C 221 -25.31 -33.12 11.66
CA ARG C 221 -25.40 -34.55 11.96
C ARG C 221 -24.66 -35.43 10.95
N GLU C 222 -24.71 -35.04 9.69
CA GLU C 222 -24.06 -35.79 8.63
C GLU C 222 -22.54 -35.89 8.81
N LEU C 223 -21.97 -34.98 9.59
CA LEU C 223 -20.52 -34.99 9.80
C LEU C 223 -20.17 -35.68 11.12
N CYS C 224 -20.99 -35.44 12.14
CA CYS C 224 -20.81 -36.05 13.44
C CYS C 224 -22.19 -36.37 14.01
N SER C 225 -22.55 -37.66 13.99
CA SER C 225 -23.85 -38.07 14.49
C SER C 225 -23.93 -38.06 16.01
N ALA C 226 -22.89 -38.54 16.68
CA ALA C 226 -22.87 -38.58 18.14
C ALA C 226 -22.87 -37.19 18.79
N CYS C 227 -22.40 -36.17 18.08
CA CYS C 227 -22.36 -34.81 18.61
C CYS C 227 -23.75 -34.30 19.01
N HIS C 228 -24.77 -34.78 18.29
CA HIS C 228 -26.16 -34.39 18.56
C HIS C 228 -26.93 -35.46 19.34
N ASN C 229 -27.92 -35.02 20.13
CA ASN C 229 -28.78 -35.96 20.83
C ASN C 229 -29.94 -36.10 19.85
N GLU C 230 -30.81 -37.09 20.03
CA GLU C 230 -31.90 -37.22 19.08
C GLU C 230 -33.28 -36.77 19.56
N ARG C 231 -33.54 -36.87 20.86
CA ARG C 231 -34.84 -36.47 21.40
C ARG C 231 -34.92 -34.95 21.61
N LEU C 232 -36.13 -34.41 21.61
CA LEU C 232 -36.30 -32.97 21.78
C LEU C 232 -36.54 -32.50 23.22
N ASP C 233 -36.30 -33.36 24.20
CA ASP C 233 -36.46 -32.95 25.59
C ASP C 233 -35.11 -33.08 26.32
N VAL C 234 -34.04 -33.05 25.53
CA VAL C 234 -32.66 -33.10 26.05
C VAL C 234 -31.92 -32.01 25.29
N PRO C 235 -30.71 -31.65 25.74
CA PRO C 235 -29.99 -30.61 24.99
C PRO C 235 -29.73 -30.99 23.53
N VAL C 236 -29.64 -29.96 22.69
CA VAL C 236 -29.38 -30.15 21.28
C VAL C 236 -28.06 -30.89 21.08
N TRP C 237 -27.03 -30.48 21.84
CA TRP C 237 -25.70 -31.09 21.72
C TRP C 237 -25.23 -31.95 22.88
N ASP C 238 -24.51 -33.02 22.55
CA ASP C 238 -23.90 -33.87 23.57
C ASP C 238 -22.51 -33.25 23.70
N VAL C 239 -22.32 -32.46 24.75
CA VAL C 239 -21.04 -31.79 24.98
C VAL C 239 -19.82 -32.70 24.96
N GLU C 240 -19.91 -33.84 25.64
CA GLU C 240 -18.77 -34.75 25.68
C GLU C 240 -18.45 -35.29 24.29
N ALA C 241 -19.50 -35.67 23.54
CA ALA C 241 -19.29 -36.20 22.21
C ALA C 241 -18.76 -35.11 21.27
N THR C 242 -19.22 -33.88 21.48
CA THR C 242 -18.78 -32.76 20.64
C THR C 242 -17.30 -32.46 20.90
N LEU C 243 -16.90 -32.50 22.17
CA LEU C 243 -15.51 -32.24 22.50
C LEU C 243 -14.62 -33.31 21.87
N ASN C 244 -15.08 -34.55 21.87
CA ASN C 244 -14.30 -35.64 21.28
C ASN C 244 -14.12 -35.39 19.78
N PHE C 245 -15.22 -35.05 19.10
CA PHE C 245 -15.17 -34.77 17.68
C PHE C 245 -14.24 -33.59 17.37
N LEU C 246 -14.41 -32.49 18.09
CA LEU C 246 -13.58 -31.30 17.87
C LEU C 246 -12.12 -31.70 17.93
N LYS C 247 -11.77 -32.49 18.94
CA LYS C 247 -10.39 -32.93 19.12
C LYS C 247 -9.90 -33.83 17.98
N ALA C 248 -10.80 -34.61 17.40
CA ALA C 248 -10.45 -35.51 16.30
C ALA C 248 -10.36 -34.73 14.99
N HIS C 249 -11.26 -33.76 14.83
CA HIS C 249 -11.30 -32.96 13.62
C HIS C 249 -10.11 -31.99 13.50
N PHE C 250 -9.82 -31.28 14.58
CA PHE C 250 -8.71 -30.31 14.61
C PHE C 250 -7.43 -30.94 15.14
N SER C 251 -6.99 -32.02 14.49
CA SER C 251 -5.76 -32.69 14.91
C SER C 251 -4.82 -32.89 13.72
N PRO C 252 -3.51 -32.88 13.97
CA PRO C 252 -2.50 -33.06 12.94
C PRO C 252 -2.81 -34.22 12.01
N SER C 253 -3.37 -35.29 12.57
CA SER C 253 -3.71 -36.48 11.81
C SER C 253 -4.82 -36.27 10.77
N ASN C 254 -5.61 -35.21 10.95
CA ASN C 254 -6.69 -34.94 10.01
C ASN C 254 -6.36 -33.85 8.99
N ILE C 255 -5.08 -33.52 8.87
CA ILE C 255 -4.64 -32.49 7.93
C ILE C 255 -4.10 -33.10 6.65
N ILE C 256 -4.63 -32.68 5.52
CA ILE C 256 -4.14 -33.16 4.23
C ILE C 256 -2.99 -32.25 3.79
N LEU C 257 -1.82 -32.84 3.58
CA LEU C 257 -0.64 -32.10 3.17
C LEU C 257 -0.61 -31.90 1.66
N ASP C 258 0.11 -30.88 1.22
CA ASP C 258 0.23 -30.63 -0.21
C ASP C 258 1.21 -31.66 -0.79
PA FAD D . 18.32 8.55 -8.81
O1A FAD D . 19.63 8.88 -9.45
O2A FAD D . 17.13 9.43 -8.87
O5B FAD D . 18.54 8.20 -7.30
C5B FAD D . 19.75 7.75 -6.71
C4B FAD D . 19.26 6.89 -5.57
O4B FAD D . 19.11 7.80 -4.45
C3B FAD D . 18.13 5.83 -5.59
O3B FAD D . 18.48 4.56 -6.13
C2B FAD D . 17.72 5.88 -4.20
O2B FAD D . 18.40 5.02 -3.34
C1B FAD D . 17.97 7.31 -3.72
N9A FAD D . 16.92 8.28 -3.79
C8A FAD D . 15.78 8.41 -4.63
N7A FAD D . 15.00 9.41 -4.39
C5A FAD D . 15.63 10.01 -3.30
C6A FAD D . 15.25 11.13 -2.55
N6A FAD D . 14.11 11.82 -2.77
N1A FAD D . 16.02 11.55 -1.48
C2A FAD D . 17.13 10.88 -1.07
N3A FAD D . 17.53 9.76 -1.82
C4A FAD D . 16.73 9.37 -2.94
N1 FAD D . 17.35 13.59 -15.56
C2 FAD D . 16.46 13.90 -16.56
O2 FAD D . 16.26 13.02 -17.41
N3 FAD D . 15.93 15.16 -16.39
C4 FAD D . 16.20 16.11 -15.36
O4 FAD D . 15.66 17.25 -15.38
C4X FAD D . 17.12 15.70 -14.40
N5 FAD D . 17.55 16.60 -13.38
C5X FAD D . 18.56 16.30 -12.44
C6 FAD D . 18.98 17.33 -11.56
C7 FAD D . 19.98 17.01 -10.60
C7M FAD D . 20.38 18.17 -9.67
C8 FAD D . 20.55 15.71 -10.51
C8M FAD D . 21.59 15.17 -9.55
C9 FAD D . 20.14 14.74 -11.42
C9A FAD D . 19.19 14.97 -12.46
N10 FAD D . 18.59 14.09 -13.50
C10 FAD D . 17.71 14.40 -14.51
C1' FAD D . 18.90 12.71 -13.39
C2' FAD D . 17.99 11.83 -12.58
O2' FAD D . 17.53 12.54 -11.40
C3' FAD D . 18.52 10.50 -12.13
O3' FAD D . 19.74 10.67 -11.42
C4' FAD D . 18.63 9.35 -13.11
O4' FAD D . 17.48 9.31 -14.00
C5' FAD D . 18.94 8.02 -12.59
O5' FAD D . 17.81 7.62 -11.79
P FAD D . 17.83 6.46 -10.76
O1P FAD D . 16.50 5.84 -10.94
O2P FAD D . 18.98 5.54 -10.91
O3P FAD D . 17.91 7.08 -9.27
CAC FLC E . 5.27 19.78 -4.42
CA FLC E . 4.30 18.93 -5.27
CB FLC E . 3.98 19.51 -6.68
CBC FLC E . 5.28 19.65 -7.50
CG FLC E . 2.99 18.54 -7.38
CGC FLC E . 2.54 18.95 -8.79
OA1 FLC E . 5.75 20.83 -4.84
OA2 FLC E . 5.56 19.39 -3.30
OB1 FLC E . 5.61 20.80 -7.95
OB2 FLC E . 6.03 18.64 -7.71
OG1 FLC E . 2.95 19.98 -9.32
OG2 FLC E . 1.75 18.24 -9.39
OHB FLC E . 3.34 20.80 -6.58
PA FAD F . -7.89 1.41 -8.43
O1A FAD F . -9.08 0.70 -7.91
O2A FAD F . -7.17 2.47 -7.67
O5B FAD F . -8.18 2.00 -9.85
C5B FAD F . -9.18 1.55 -10.76
C4B FAD F . -8.57 1.86 -12.10
O4B FAD F . -9.00 3.22 -12.40
C3B FAD F . -7.12 1.61 -12.57
O3B FAD F . -6.82 0.28 -12.98
C2B FAD F . -7.00 2.67 -13.57
O2B FAD F . -7.40 2.33 -14.87
C1B FAD F . -7.91 3.82 -13.10
N9A FAD F . -7.35 4.87 -12.31
C8A FAD F . -6.24 4.92 -11.42
N7A FAD F . -5.99 6.08 -10.88
C5A FAD F . -6.98 6.87 -11.44
C6A FAD F . -7.23 8.25 -11.29
N6A FAD F . -6.46 9.06 -10.55
N1A FAD F . -8.27 8.85 -11.97
C2A FAD F . -9.05 8.18 -12.85
N3A FAD F . -8.82 6.80 -13.02
C4A FAD F . -7.76 6.20 -12.28
N1 FAD F . -7.97 1.13 0.04
C2 FAD F . -7.13 1.10 1.13
O2 FAD F . -6.44 0.08 1.29
N3 FAD F . -7.22 2.29 1.85
C4 FAD F . -8.02 3.42 1.59
O4 FAD F . -8.00 4.42 2.38
C4X FAD F . -8.82 3.35 0.47
N5 FAD F . -9.75 4.40 0.17
C5X FAD F . -10.69 4.34 -0.89
C6 FAD F . -11.63 5.39 -1.00
C7 FAD F . -12.55 5.34 -2.08
C7M FAD F . -13.54 6.50 -2.15
C8 FAD F . -12.55 4.27 -3.02
C8M FAD F . -13.41 4.05 -4.24
C9 FAD F . -11.62 3.23 -2.86
C9A FAD F . -10.69 3.16 -1.78
N10 FAD F . -9.63 2.19 -1.42
C10 FAD F . -8.80 2.17 -0.33
C1' FAD F . -9.35 1.19 -2.40
C2' FAD F . -8.31 1.48 -3.45
O2' FAD F . -8.38 2.86 -3.87
C3' FAD F . -8.31 0.64 -4.69
O3' FAD F . -9.60 0.67 -5.30
C4' FAD F . -7.78 -0.79 -4.64
O4' FAD F . -6.58 -0.86 -3.81
C5' FAD F . -7.58 -1.49 -5.91
O5' FAD F . -6.55 -0.81 -6.62
P FAD F . -6.24 -0.96 -8.13
O1P FAD F . -4.78 -0.93 -8.17
O2P FAD F . -6.88 -2.17 -8.74
O3P FAD F . -6.82 0.33 -8.92
PA FAD G . -16.56 -20.09 8.47
O1A FAD G . -15.44 -19.19 8.11
O2A FAD G . -17.64 -19.72 9.43
O5B FAD G . -16.01 -21.48 8.96
C5B FAD G . -14.73 -22.04 8.64
C4B FAD G . -15.00 -23.51 8.66
O4B FAD G . -14.77 -23.92 10.03
C3B FAD G . -16.20 -24.27 8.04
O3B FAD G . -16.13 -24.53 6.64
C2B FAD G . -16.24 -25.43 8.93
O2B FAD G . -15.44 -26.52 8.53
C1B FAD G . -15.73 -24.95 10.30
N9A FAD G . -16.66 -24.50 11.28
C8A FAD G . -17.96 -23.93 11.18
N7A FAD G . -18.55 -23.67 12.30
C5A FAD G . -17.61 -24.09 13.23
C6A FAD G . -17.68 -24.12 14.64
N6A FAD G . -18.77 -23.72 15.33
N1A FAD G . -16.63 -24.62 15.37
C2A FAD G . -15.52 -25.17 14.80
N3A FAD G . -15.44 -25.15 13.40
C4A FAD G . -16.53 -24.59 12.66
N1 FAD G . -18.71 -11.92 9.16
C2 FAD G . -19.79 -11.07 9.06
O2 FAD G . -20.28 -10.93 7.94
N3 FAD G . -20.13 -10.56 10.32
C4 FAD G . -19.51 -10.82 11.56
O4 FAD G . -19.92 -10.22 12.61
C4X FAD G . -18.43 -11.67 11.54
N5 FAD G . -17.67 -11.91 12.73
C5X FAD G . -16.48 -12.69 12.77
C6 FAD G . -15.76 -12.75 13.99
C7 FAD G . -14.58 -13.55 14.02
C7M FAD G . -13.86 -13.57 15.36
C8 FAD G . -14.14 -14.27 12.87
C8M FAD G . -12.95 -15.19 12.72
C9 FAD G . -14.86 -14.16 11.69
C9A FAD G . -16.02 -13.35 11.53
N10 FAD G . -16.95 -13.09 10.40
C10 FAD G . -18.02 -12.25 10.30
C1' FAD G . -16.75 -13.94 9.26
C2' FAD G . -17.51 -15.24 9.19
O2' FAD G . -17.59 -15.85 10.49
C3' FAD G . -17.02 -16.29 8.23
O3' FAD G . -15.65 -16.56 8.48
C4' FAD G . -17.27 -16.13 6.75
O4' FAD G . -18.61 -15.62 6.49
C5' FAD G . -16.98 -17.27 5.87
O5' FAD G . -17.89 -18.31 6.23
P FAD G . -17.74 -19.82 5.84
O1P FAD G . -19.11 -20.21 5.54
O2P FAD G . -16.76 -20.04 4.76
O3P FAD G . -17.23 -20.63 7.13
#